data_5GSQ
#
_entry.id   5GSQ
#
_cell.length_a   50.183
_cell.length_b   158.406
_cell.length_c   66.905
_cell.angle_alpha   90.000
_cell.angle_beta   109.040
_cell.angle_gamma   90.000
#
_symmetry.space_group_name_H-M   'P 1 21 1'
#
loop_
_entity.id
_entity.type
_entity.pdbx_description
1 polymer 'Ig gamma-1 chain C region'
2 branched beta-D-galactopyranose-(1-4)-2-acetamido-2-deoxy-beta-D-glucopyranose-(1-2)-alpha-D-mannopyranose-(1-6)-[alpha-D-mannopyranose-(1-3)]beta-D-mannopyranose-(1-4)-2-acetamido-2-deoxy-beta-D-glucopyranose-(1-4)-2-acetamido-2-deoxy-beta-D-glucopyranose
3 branched 'N-acetyl-alpha-neuraminic acid-(2-6)-beta-D-galactopyranose-(1-4)-2-acetamido-2-deoxy-beta-D-glucopyranose-(1-2)-alpha-D-mannopyranose-(1-6)-[alpha-D-mannopyranose-(1-3)]beta-D-mannopyranose-(1-4)-2-acetamido-2-deoxy-beta-D-glucopyranose-(1-4)-2-acetamido-2-deoxy-beta-D-glucopyranose'
4 branched 2-acetamido-2-deoxy-beta-D-glucopyranose-(1-3)-alpha-D-mannopyranose-(1-6)-beta-D-mannopyranose-(1-4)-2-acetamido-2-deoxy-beta-D-glucopyranose-(1-4)-2-acetamido-2-deoxy-beta-D-glucopyranose
5 water water
#
_entity_poly.entity_id   1
_entity_poly.type   'polypeptide(L)'
_entity_poly.pdbx_seq_one_letter_code
;THTCPPCPAPELLGGPSVFLFPPKPKDTLMISRTPEVTCVVVDVSHEDPEVKFNWYVDGVEVHNAKTKPREEQYNSTYRV
VSVLTVLHQDWLNGKEYKCKVSNKALPAPIEKTISKAKGQPREPQVYTLPPSRDELTKNQVSLTCLVKGFYPSDIAVEWE
SNGQPENNYKTTPPVLDSDGSFFLYSKLTVDKSRWQQGNVFSCSVMHEALHNHYTQKSLSLSPGK
;
_entity_poly.pdbx_strand_id   A,B,C,D
#
loop_
_chem_comp.id
_chem_comp.type
_chem_comp.name
_chem_comp.formula
BMA D-saccharide, beta linking beta-D-mannopyranose 'C6 H12 O6'
GAL D-saccharide, beta linking beta-D-galactopyranose 'C6 H12 O6'
MAN D-saccharide, alpha linking alpha-D-mannopyranose 'C6 H12 O6'
NAG D-saccharide, beta linking 2-acetamido-2-deoxy-beta-D-glucopyranose 'C8 H15 N O6'
SIA D-saccharide, alpha linking 'N-acetyl-alpha-neuraminic acid' 'C11 H19 N O9'
#
# COMPACT_ATOMS: atom_id res chain seq x y z
N GLY A 15 35.90 0.48 -22.88
CA GLY A 15 35.08 1.38 -23.66
C GLY A 15 33.63 1.47 -23.21
N PRO A 16 32.92 2.52 -23.65
CA PRO A 16 31.52 2.67 -23.26
C PRO A 16 30.63 1.61 -23.91
N SER A 17 29.54 1.28 -23.22
CA SER A 17 28.57 0.31 -23.73
C SER A 17 27.17 0.85 -23.52
N VAL A 18 26.28 0.48 -24.45
CA VAL A 18 24.98 1.13 -24.62
C VAL A 18 23.89 0.11 -24.37
N PHE A 19 22.87 0.50 -23.61
CA PHE A 19 21.70 -0.34 -23.41
C PHE A 19 20.47 0.49 -23.70
N LEU A 20 19.45 -0.13 -24.31
CA LEU A 20 18.28 0.61 -24.76
C LEU A 20 17.05 -0.04 -24.17
N PHE A 21 16.24 0.74 -23.45
CA PHE A 21 15.15 0.18 -22.67
C PHE A 21 13.79 0.63 -23.17
N PRO A 22 12.79 -0.24 -23.13
CA PRO A 22 11.50 0.08 -23.69
C PRO A 22 10.67 0.84 -22.67
N PRO A 23 9.52 1.36 -23.07
CA PRO A 23 8.59 1.96 -22.11
C PRO A 23 8.01 0.91 -21.19
N LYS A 24 7.41 1.37 -20.07
CA LYS A 24 6.71 0.45 -19.21
C LYS A 24 5.43 -0.04 -19.91
N PRO A 25 5.15 -1.33 -19.86
CA PRO A 25 3.89 -1.86 -20.38
C PRO A 25 2.69 -0.97 -20.10
N LYS A 26 2.52 -0.63 -18.83
CA LYS A 26 1.36 0.15 -18.41
C LYS A 26 1.37 1.57 -18.98
N ASP A 27 2.54 2.15 -19.25
CA ASP A 27 2.55 3.47 -19.87
C ASP A 27 2.03 3.43 -21.30
N THR A 28 2.29 2.34 -22.02
CA THR A 28 1.83 2.26 -23.39
C THR A 28 0.31 2.16 -23.46
N LEU A 29 -0.35 1.60 -22.43
CA LEU A 29 -1.78 1.33 -22.53
C LEU A 29 -2.66 2.45 -21.97
N MET A 30 -2.08 3.50 -21.41
CA MET A 30 -2.84 4.58 -20.78
C MET A 30 -2.56 5.91 -21.47
N ILE A 31 -3.60 6.55 -21.99
CA ILE A 31 -3.34 7.80 -22.71
C ILE A 31 -2.79 8.89 -21.81
N SER A 32 -3.01 8.83 -20.50
CA SER A 32 -2.49 9.88 -19.62
C SER A 32 -1.02 9.70 -19.28
N ARG A 33 -0.40 8.58 -19.64
CA ARG A 33 0.98 8.31 -19.28
C ARG A 33 1.90 8.65 -20.44
N THR A 34 3.18 8.77 -20.12
CA THR A 34 4.19 9.14 -21.11
C THR A 34 5.11 7.95 -21.30
N PRO A 35 4.91 7.14 -22.34
CA PRO A 35 5.85 6.06 -22.62
C PRO A 35 7.16 6.63 -23.18
N GLU A 36 8.28 6.17 -22.63
CA GLU A 36 9.58 6.64 -23.05
C GLU A 36 10.47 5.46 -23.35
N VAL A 37 11.30 5.62 -24.35
CA VAL A 37 12.42 4.73 -24.65
C VAL A 37 13.69 5.38 -24.10
N THR A 38 14.54 4.61 -23.44
CA THR A 38 15.68 5.17 -22.69
C THR A 38 16.96 4.59 -23.22
N CYS A 39 17.88 5.45 -23.64
CA CYS A 39 19.17 5.03 -24.14
C CYS A 39 20.19 5.33 -23.05
N VAL A 40 20.90 4.30 -22.60
CA VAL A 40 21.75 4.41 -21.42
C VAL A 40 23.17 4.03 -21.84
N VAL A 41 24.13 4.89 -21.51
CA VAL A 41 25.54 4.66 -21.86
C VAL A 41 26.32 4.58 -20.56
N VAL A 42 26.97 3.44 -20.32
CA VAL A 42 27.78 3.23 -19.14
C VAL A 42 29.25 3.14 -19.53
N ASP A 43 30.11 3.13 -18.52
CA ASP A 43 31.58 3.09 -18.70
C ASP A 43 32.05 4.26 -19.57
N VAL A 44 31.46 5.42 -19.34
CA VAL A 44 31.94 6.65 -19.95
C VAL A 44 33.07 7.19 -19.08
N SER A 45 34.23 7.41 -19.66
CA SER A 45 35.40 7.83 -18.91
C SER A 45 35.31 9.30 -18.49
N HIS A 46 36.05 9.65 -17.43
CA HIS A 46 36.14 11.05 -17.03
C HIS A 46 36.92 11.88 -18.05
N GLU A 47 37.85 11.25 -18.78
CA GLU A 47 38.68 11.97 -19.73
C GLU A 47 37.86 12.49 -20.91
N ASP A 48 37.00 11.63 -21.45
CA ASP A 48 36.22 11.94 -22.65
C ASP A 48 34.78 11.63 -22.33
N PRO A 49 34.16 12.42 -21.45
CA PRO A 49 32.85 12.08 -20.89
C PRO A 49 31.67 12.48 -21.76
N GLU A 50 31.88 13.18 -22.86
CA GLU A 50 30.80 13.81 -23.60
C GLU A 50 30.20 12.81 -24.59
N VAL A 51 28.89 12.62 -24.51
CA VAL A 51 28.19 11.64 -25.34
C VAL A 51 27.25 12.39 -26.24
N LYS A 52 27.29 12.07 -27.53
CA LYS A 52 26.31 12.59 -28.47
C LYS A 52 25.27 11.51 -28.79
N PHE A 53 24.00 11.88 -28.71
CA PHE A 53 22.91 10.96 -28.96
C PHE A 53 22.20 11.39 -30.25
N ASN A 54 21.99 10.45 -31.15
CA ASN A 54 21.10 10.64 -32.28
C ASN A 54 20.04 9.56 -32.26
N TRP A 55 18.80 9.95 -32.53
CA TRP A 55 17.63 9.10 -32.41
C TRP A 55 16.91 9.04 -33.74
N TYR A 56 16.38 7.87 -34.08
CA TYR A 56 15.73 7.63 -35.35
C TYR A 56 14.44 6.86 -35.09
N VAL A 57 13.38 7.24 -35.79
CA VAL A 57 12.10 6.52 -35.76
C VAL A 57 11.83 6.01 -37.17
N ASP A 58 11.82 4.70 -37.32
CA ASP A 58 11.76 4.05 -38.63
C ASP A 58 12.77 4.67 -39.60
N GLY A 59 13.97 4.92 -39.09
CA GLY A 59 15.08 5.39 -39.90
C GLY A 59 15.21 6.88 -40.03
N VAL A 60 14.17 7.66 -39.75
CA VAL A 60 14.23 9.11 -39.95
C VAL A 60 14.51 9.79 -38.62
N GLU A 61 15.44 10.74 -38.63
CA GLU A 61 15.94 11.31 -37.39
C GLU A 61 14.87 12.18 -36.74
N VAL A 62 14.77 12.08 -35.40
CA VAL A 62 13.91 12.96 -34.62
C VAL A 62 14.77 13.70 -33.61
N HIS A 63 14.28 14.84 -33.13
CA HIS A 63 15.12 15.78 -32.41
C HIS A 63 14.61 16.16 -31.03
N ASN A 64 13.57 15.48 -30.54
CA ASN A 64 12.86 15.90 -29.35
C ASN A 64 13.29 15.14 -28.10
N ALA A 65 14.41 14.42 -28.14
CA ALA A 65 14.84 13.63 -26.98
C ALA A 65 15.31 14.55 -25.86
N LYS A 66 15.24 14.02 -24.64
CA LYS A 66 15.62 14.77 -23.45
C LYS A 66 16.95 14.27 -22.94
N THR A 67 17.88 15.20 -22.73
CA THR A 67 19.20 14.92 -22.21
C THR A 67 19.13 14.94 -20.68
N LYS A 68 19.71 13.93 -20.06
CA LYS A 68 19.72 13.90 -18.60
C LYS A 68 21.13 14.22 -18.10
N PRO A 69 21.28 14.84 -16.94
CA PRO A 69 22.62 15.10 -16.42
C PRO A 69 23.30 13.79 -16.00
N ARG A 70 24.56 13.66 -16.39
CA ARG A 70 25.28 12.43 -16.09
C ARG A 70 25.40 12.20 -14.58
N GLU A 71 25.71 10.94 -14.21
CA GLU A 71 25.92 10.51 -12.83
C GLU A 71 27.24 9.76 -12.73
N GLU A 72 28.13 10.20 -11.83
CA GLU A 72 29.33 9.40 -11.55
C GLU A 72 28.96 8.14 -10.73
N GLN A 73 29.70 7.05 -10.97
CA GLN A 73 29.23 5.70 -10.66
C GLN A 73 30.12 4.92 -9.68
N TYR A 74 30.65 5.55 -8.63
CA TYR A 74 31.45 4.82 -7.65
C TYR A 74 32.71 4.21 -8.28
N ASN A 75 32.58 3.43 -9.37
CA ASN A 75 33.79 3.00 -10.08
C ASN A 75 34.39 4.11 -10.94
N SER A 76 34.05 5.38 -10.64
CA SER A 76 34.61 6.56 -11.30
C SER A 76 34.45 6.49 -12.82
N THR A 77 33.30 5.99 -13.25
CA THR A 77 32.83 6.20 -14.61
C THR A 77 31.50 6.92 -14.55
N TYR A 78 31.11 7.52 -15.66
CA TYR A 78 29.85 8.24 -15.74
C TYR A 78 28.79 7.35 -16.39
N ARG A 79 27.55 7.51 -15.94
CA ARG A 79 26.38 6.96 -16.59
C ARG A 79 25.63 8.11 -17.26
N VAL A 80 25.37 7.99 -18.56
CA VAL A 80 24.83 9.08 -19.36
C VAL A 80 23.60 8.57 -20.12
N VAL A 81 22.51 9.34 -20.06
CA VAL A 81 21.18 8.86 -20.46
C VAL A 81 20.49 9.87 -21.38
N SER A 82 19.82 9.36 -22.42
CA SER A 82 18.92 10.17 -23.24
C SER A 82 17.56 9.46 -23.27
N VAL A 83 16.49 10.25 -23.16
CA VAL A 83 15.12 9.72 -23.00
C VAL A 83 14.26 10.23 -24.15
N LEU A 84 13.69 9.32 -24.93
CA LEU A 84 12.86 9.73 -26.08
C LEU A 84 11.40 9.37 -25.83
N THR A 85 10.52 10.36 -25.92
CA THR A 85 9.10 10.09 -25.76
C THR A 85 8.53 9.49 -27.03
N VAL A 86 7.83 8.38 -26.91
CA VAL A 86 7.29 7.72 -28.11
C VAL A 86 5.77 7.92 -28.13
N LEU A 87 5.23 8.06 -29.33
CA LEU A 87 3.79 8.18 -29.49
C LEU A 87 3.15 6.86 -29.15
N HIS A 88 2.03 6.91 -28.43
CA HIS A 88 1.36 5.68 -28.02
C HIS A 88 1.09 4.81 -29.24
N GLN A 89 0.52 5.41 -30.30
CA GLN A 89 0.12 4.61 -31.45
C GLN A 89 1.32 4.18 -32.28
N ASP A 90 2.40 4.95 -32.23
CA ASP A 90 3.64 4.53 -32.90
C ASP A 90 4.20 3.26 -32.26
N TRP A 91 4.28 3.23 -30.93
CA TRP A 91 4.84 2.04 -30.28
C TRP A 91 3.96 0.83 -30.59
N LEU A 92 2.64 1.01 -30.54
CA LEU A 92 1.71 -0.09 -30.78
C LEU A 92 1.77 -0.59 -32.22
N ASN A 93 1.98 0.31 -33.19
CA ASN A 93 2.07 -0.07 -34.61
C ASN A 93 3.47 -0.57 -34.99
N GLY A 94 4.30 -0.90 -34.02
CA GLY A 94 5.56 -1.55 -34.30
C GLY A 94 6.63 -0.66 -34.89
N LYS A 95 6.53 0.66 -34.71
CA LYS A 95 7.63 1.56 -35.09
C LYS A 95 8.93 1.14 -34.41
N GLU A 96 10.01 1.26 -35.14
CA GLU A 96 11.34 0.87 -34.67
C GLU A 96 12.10 2.11 -34.22
N TYR A 97 12.72 2.04 -33.04
CA TYR A 97 13.40 3.20 -32.43
C TYR A 97 14.88 2.89 -32.30
N LYS A 98 15.71 3.81 -32.78
CA LYS A 98 17.15 3.57 -32.86
C LYS A 98 17.88 4.71 -32.17
N CYS A 99 18.79 4.35 -31.26
CA CYS A 99 19.65 5.28 -30.54
C CYS A 99 21.07 5.10 -31.08
N LYS A 100 21.70 6.18 -31.57
CA LYS A 100 23.08 6.13 -32.06
C LYS A 100 23.96 6.94 -31.12
N VAL A 101 24.97 6.29 -30.54
CA VAL A 101 25.78 6.90 -29.51
C VAL A 101 27.18 7.16 -30.06
N SER A 102 27.63 8.42 -29.97
CA SER A 102 28.98 8.83 -30.40
C SER A 102 29.77 9.33 -29.21
N ASN A 103 31.02 8.88 -29.08
CA ASN A 103 31.89 9.29 -27.98
C ASN A 103 33.34 9.23 -28.46
N LYS A 104 34.19 10.09 -27.87
CA LYS A 104 35.59 10.17 -28.28
C LYS A 104 36.31 8.82 -28.11
N ALA A 105 35.94 8.05 -27.10
CA ALA A 105 36.59 6.78 -26.78
C ALA A 105 36.02 5.60 -27.54
N LEU A 106 35.13 5.83 -28.49
CA LEU A 106 34.64 4.80 -29.38
C LEU A 106 35.35 4.88 -30.73
N PRO A 107 35.68 3.77 -31.36
CA PRO A 107 36.17 3.84 -32.75
C PRO A 107 35.09 4.28 -33.73
N ALA A 108 33.88 3.76 -33.60
CA ALA A 108 32.75 4.17 -34.44
C ALA A 108 31.52 4.25 -33.56
N PRO A 109 30.49 4.99 -33.97
CA PRO A 109 29.30 5.09 -33.14
C PRO A 109 28.67 3.73 -32.94
N ILE A 110 27.96 3.59 -31.82
CA ILE A 110 27.19 2.39 -31.48
C ILE A 110 25.72 2.68 -31.76
N GLU A 111 25.04 1.73 -32.41
CA GLU A 111 23.60 1.81 -32.65
C GLU A 111 22.91 0.65 -31.92
N LYS A 112 21.84 0.95 -31.19
CA LYS A 112 20.94 -0.06 -30.68
C LYS A 112 19.53 0.27 -31.15
N THR A 113 18.72 -0.77 -31.34
CA THR A 113 17.38 -0.60 -31.90
C THR A 113 16.36 -1.39 -31.09
N ILE A 114 15.16 -0.83 -30.86
CA ILE A 114 14.14 -1.60 -30.15
C ILE A 114 12.77 -1.29 -30.72
N SER A 115 11.84 -2.23 -30.46
CA SER A 115 10.46 -2.06 -30.85
C SER A 115 9.61 -2.93 -29.94
N LYS A 116 8.30 -2.76 -30.05
CA LYS A 116 7.40 -3.64 -29.34
C LYS A 116 7.65 -5.09 -29.76
N ALA A 117 7.36 -6.02 -28.84
CA ALA A 117 7.43 -7.44 -29.14
C ALA A 117 6.67 -7.77 -30.42
N LYS A 118 7.33 -8.47 -31.33
CA LYS A 118 6.71 -8.85 -32.59
C LYS A 118 5.94 -10.16 -32.41
N GLY A 119 4.98 -10.38 -33.28
CA GLY A 119 4.14 -11.57 -33.20
C GLY A 119 2.69 -11.15 -33.23
N GLN A 120 1.84 -12.04 -33.77
CA GLN A 120 0.45 -11.68 -33.96
C GLN A 120 -0.18 -11.43 -32.59
N PRO A 121 -0.72 -10.24 -32.33
CA PRO A 121 -1.38 -10.04 -31.02
C PRO A 121 -2.56 -11.00 -30.87
N ARG A 122 -2.78 -11.42 -29.64
CA ARG A 122 -3.87 -12.32 -29.30
C ARG A 122 -4.61 -11.79 -28.09
N GLU A 123 -5.94 -11.81 -28.15
CA GLU A 123 -6.80 -11.20 -27.16
C GLU A 123 -6.87 -12.05 -25.89
N PRO A 124 -6.77 -11.44 -24.70
CA PRO A 124 -6.93 -12.24 -23.47
C PRO A 124 -8.34 -12.79 -23.31
N GLN A 125 -8.42 -14.02 -22.84
CA GLN A 125 -9.64 -14.59 -22.30
C GLN A 125 -9.67 -14.31 -20.79
N VAL A 126 -10.78 -13.82 -20.29
CA VAL A 126 -10.84 -13.44 -18.86
C VAL A 126 -11.89 -14.28 -18.16
N TYR A 127 -11.49 -14.99 -17.10
CA TYR A 127 -12.37 -15.81 -16.27
C TYR A 127 -12.31 -15.38 -14.81
N THR A 128 -13.44 -15.38 -14.13
CA THR A 128 -13.40 -15.09 -12.70
C THR A 128 -13.71 -16.36 -11.93
N LEU A 129 -13.07 -16.47 -10.76
CA LEU A 129 -13.16 -17.67 -9.94
C LEU A 129 -13.55 -17.23 -8.54
N PRO A 130 -14.65 -17.75 -7.98
CA PRO A 130 -15.07 -17.38 -6.62
C PRO A 130 -14.11 -17.93 -5.58
N PRO A 131 -14.20 -17.48 -4.33
CA PRO A 131 -13.36 -18.07 -3.29
C PRO A 131 -13.64 -19.55 -3.14
N SER A 132 -12.59 -20.31 -2.85
CA SER A 132 -12.73 -21.72 -2.55
C SER A 132 -13.61 -21.92 -1.33
N ARG A 133 -14.19 -23.11 -1.21
CA ARG A 133 -15.02 -23.41 -0.05
C ARG A 133 -14.17 -23.43 1.22
N ASP A 134 -13.01 -24.10 1.15
CA ASP A 134 -12.15 -24.23 2.32
C ASP A 134 -11.71 -22.88 2.85
N GLU A 135 -11.76 -21.84 2.04
CA GLU A 135 -11.28 -20.54 2.48
C GLU A 135 -12.28 -19.80 3.35
N LEU A 136 -13.56 -20.19 3.33
CA LEU A 136 -14.53 -19.49 4.18
C LEU A 136 -14.32 -19.75 5.67
N THR A 137 -13.42 -20.67 6.05
CA THR A 137 -12.97 -20.74 7.43
C THR A 137 -12.28 -19.45 7.86
N LYS A 138 -11.81 -18.64 6.91
CA LYS A 138 -11.02 -17.46 7.21
C LYS A 138 -11.87 -16.20 7.12
N ASN A 139 -11.27 -15.10 7.61
CA ASN A 139 -12.00 -13.85 7.72
C ASN A 139 -12.02 -13.10 6.39
N GLN A 140 -11.01 -13.31 5.55
CA GLN A 140 -10.92 -12.67 4.26
C GLN A 140 -10.92 -13.73 3.17
N VAL A 141 -11.46 -13.38 2.01
CA VAL A 141 -11.58 -14.35 0.93
C VAL A 141 -10.89 -13.79 -0.31
N SER A 142 -10.42 -14.70 -1.16
CA SER A 142 -9.74 -14.36 -2.39
C SER A 142 -10.71 -14.48 -3.55
N LEU A 143 -10.86 -13.40 -4.30
CA LEU A 143 -11.53 -13.45 -5.59
C LEU A 143 -10.44 -13.49 -6.65
N THR A 144 -10.55 -14.42 -7.59
CA THR A 144 -9.48 -14.67 -8.54
C THR A 144 -9.95 -14.30 -9.94
N CYS A 145 -9.08 -13.61 -10.66
CA CYS A 145 -9.28 -13.29 -12.06
C CYS A 145 -8.17 -13.98 -12.84
N LEU A 146 -8.54 -14.93 -13.71
CA LEU A 146 -7.59 -15.61 -14.58
C LEU A 146 -7.65 -14.96 -15.95
N VAL A 147 -6.51 -14.48 -16.42
CA VAL A 147 -6.39 -13.82 -17.72
C VAL A 147 -5.43 -14.66 -18.54
N LYS A 148 -5.89 -15.23 -19.66
CA LYS A 148 -5.01 -16.16 -20.36
C LYS A 148 -5.08 -15.98 -21.88
N GLY A 149 -4.09 -16.55 -22.55
CA GLY A 149 -4.06 -16.56 -24.00
C GLY A 149 -3.72 -15.25 -24.67
N PHE A 150 -3.06 -14.33 -23.97
CA PHE A 150 -2.84 -13.01 -24.56
C PHE A 150 -1.40 -12.88 -25.09
N TYR A 151 -1.26 -12.04 -26.11
CA TYR A 151 0.03 -11.72 -26.71
C TYR A 151 -0.08 -10.34 -27.34
N PRO A 152 0.94 -9.50 -27.17
CA PRO A 152 2.14 -9.72 -26.36
C PRO A 152 1.84 -9.64 -24.84
N SER A 153 2.86 -9.70 -24.00
CA SER A 153 2.60 -9.81 -22.56
C SER A 153 2.17 -8.50 -21.90
N ASP A 154 2.25 -7.35 -22.60
CA ASP A 154 1.86 -6.06 -22.02
C ASP A 154 0.36 -6.04 -21.74
N ILE A 155 0.00 -5.78 -20.48
CA ILE A 155 -1.38 -5.90 -20.03
C ILE A 155 -1.53 -5.14 -18.72
N ALA A 156 -2.76 -4.77 -18.39
CA ALA A 156 -3.04 -4.15 -17.09
C ALA A 156 -4.39 -4.63 -16.58
N VAL A 157 -4.44 -4.99 -15.30
CA VAL A 157 -5.62 -5.60 -14.68
C VAL A 157 -5.98 -4.80 -13.44
N GLU A 158 -7.28 -4.51 -13.26
CA GLU A 158 -7.78 -3.85 -12.06
C GLU A 158 -9.08 -4.50 -11.63
N TRP A 159 -9.57 -4.05 -10.48
CA TRP A 159 -10.83 -4.52 -9.91
C TRP A 159 -11.67 -3.32 -9.53
N GLU A 160 -12.98 -3.48 -9.55
CA GLU A 160 -13.86 -2.41 -9.10
C GLU A 160 -15.16 -3.01 -8.60
N SER A 161 -15.99 -2.17 -8.01
CA SER A 161 -17.22 -2.64 -7.41
C SER A 161 -18.14 -1.46 -7.18
N ASN A 162 -19.41 -1.63 -7.58
CA ASN A 162 -20.38 -0.55 -7.49
C ASN A 162 -19.79 0.75 -8.00
N GLY A 163 -19.20 0.67 -9.21
CA GLY A 163 -18.67 1.82 -9.88
C GLY A 163 -17.39 2.40 -9.32
N GLN A 164 -16.80 1.80 -8.29
CA GLN A 164 -15.62 2.43 -7.70
C GLN A 164 -14.48 1.43 -7.53
N PRO A 165 -13.24 1.89 -7.68
CA PRO A 165 -12.09 0.98 -7.67
C PRO A 165 -11.91 0.25 -6.34
N GLU A 166 -11.59 -1.04 -6.44
CA GLU A 166 -11.13 -1.85 -5.33
C GLU A 166 -9.61 -1.94 -5.43
N ASN A 167 -8.93 -1.65 -4.33
CA ASN A 167 -7.48 -1.52 -4.42
C ASN A 167 -6.70 -2.57 -3.63
N ASN A 168 -7.36 -3.44 -2.85
CA ASN A 168 -6.61 -4.47 -2.12
C ASN A 168 -6.48 -5.74 -2.97
N TYR A 169 -5.71 -5.62 -4.04
CA TYR A 169 -5.47 -6.73 -4.95
C TYR A 169 -3.99 -6.76 -5.32
N LYS A 170 -3.53 -7.96 -5.69
CA LYS A 170 -2.21 -8.18 -6.23
C LYS A 170 -2.33 -9.00 -7.51
N THR A 171 -1.42 -8.77 -8.45
CA THR A 171 -1.48 -9.41 -9.75
C THR A 171 -0.13 -10.05 -10.04
N THR A 172 -0.13 -11.31 -10.48
CA THR A 172 1.11 -11.99 -10.83
C THR A 172 1.69 -11.39 -12.11
N PRO A 173 3.00 -11.51 -12.32
CA PRO A 173 3.58 -11.19 -13.62
C PRO A 173 3.00 -12.12 -14.68
N PRO A 174 3.00 -11.71 -15.94
CA PRO A 174 2.63 -12.65 -17.01
C PRO A 174 3.57 -13.85 -17.03
N VAL A 175 3.02 -15.01 -17.37
CA VAL A 175 3.77 -16.26 -17.44
C VAL A 175 3.56 -16.85 -18.82
N LEU A 176 4.64 -17.31 -19.44
CA LEU A 176 4.54 -17.93 -20.75
C LEU A 176 3.88 -19.29 -20.63
N ASP A 177 2.84 -19.49 -21.43
CA ASP A 177 2.14 -20.77 -21.57
C ASP A 177 2.75 -21.57 -22.72
N SER A 178 2.28 -22.82 -22.88
CA SER A 178 2.92 -23.73 -23.82
C SER A 178 2.65 -23.38 -25.27
N ASP A 179 1.57 -22.65 -25.56
CA ASP A 179 1.24 -22.28 -26.93
C ASP A 179 1.91 -20.98 -27.36
N GLY A 180 2.77 -20.43 -26.52
CA GLY A 180 3.43 -19.19 -26.81
C GLY A 180 2.68 -17.96 -26.33
N SER A 181 1.48 -18.11 -25.79
CA SER A 181 0.78 -16.95 -25.27
C SER A 181 1.09 -16.82 -23.78
N PHE A 182 0.53 -15.81 -23.13
CA PHE A 182 0.78 -15.57 -21.71
C PHE A 182 -0.50 -15.71 -20.91
N PHE A 183 -0.34 -16.01 -19.61
CA PHE A 183 -1.42 -15.91 -18.63
C PHE A 183 -0.92 -15.18 -17.39
N LEU A 184 -1.88 -14.72 -16.59
CA LEU A 184 -1.57 -14.28 -15.23
C LEU A 184 -2.83 -14.48 -14.40
N TYR A 185 -2.67 -14.32 -13.09
CA TYR A 185 -3.78 -14.27 -12.16
C TYR A 185 -3.74 -12.96 -11.40
N SER A 186 -4.92 -12.43 -11.11
CA SER A 186 -5.07 -11.29 -10.22
C SER A 186 -5.92 -11.73 -9.03
N LYS A 187 -5.51 -11.36 -7.83
CA LYS A 187 -6.19 -11.79 -6.61
C LYS A 187 -6.71 -10.58 -5.86
N LEU A 188 -8.04 -10.51 -5.68
CA LEU A 188 -8.66 -9.44 -4.90
C LEU A 188 -9.06 -9.98 -3.54
N THR A 189 -8.55 -9.36 -2.48
CA THR A 189 -8.95 -9.70 -1.13
C THR A 189 -10.06 -8.76 -0.67
N VAL A 190 -11.15 -9.34 -0.19
CA VAL A 190 -12.28 -8.57 0.34
C VAL A 190 -12.76 -9.26 1.61
N ASP A 191 -13.40 -8.47 2.47
CA ASP A 191 -13.97 -9.02 3.69
C ASP A 191 -15.04 -10.05 3.34
N LYS A 192 -14.91 -11.25 3.92
CA LYS A 192 -15.83 -12.35 3.60
C LYS A 192 -17.28 -11.94 3.76
N SER A 193 -17.56 -10.96 4.62
CA SER A 193 -18.92 -10.45 4.74
C SER A 193 -19.41 -9.85 3.43
N ARG A 194 -18.52 -9.16 2.69
CA ARG A 194 -18.92 -8.58 1.42
C ARG A 194 -19.25 -9.66 0.39
N TRP A 195 -18.50 -10.76 0.39
CA TRP A 195 -18.80 -11.86 -0.50
C TRP A 195 -20.14 -12.53 -0.14
N GLN A 196 -20.30 -12.93 1.13
CA GLN A 196 -21.54 -13.55 1.56
C GLN A 196 -22.74 -12.61 1.39
N GLN A 197 -22.54 -11.31 1.46
CA GLN A 197 -23.64 -10.36 1.29
C GLN A 197 -24.01 -10.11 -0.17
N GLY A 198 -23.32 -10.74 -1.12
CA GLY A 198 -23.73 -10.64 -2.51
C GLY A 198 -23.33 -9.38 -3.25
N ASN A 199 -22.32 -8.66 -2.78
CA ASN A 199 -21.81 -7.53 -3.55
C ASN A 199 -21.22 -8.03 -4.87
N VAL A 200 -21.25 -7.16 -5.87
CA VAL A 200 -20.84 -7.52 -7.23
C VAL A 200 -19.48 -6.91 -7.49
N PHE A 201 -18.53 -7.75 -7.90
CA PHE A 201 -17.15 -7.34 -8.12
C PHE A 201 -16.78 -7.61 -9.58
N SER A 202 -15.95 -6.76 -10.13
CA SER A 202 -15.54 -6.99 -11.52
C SER A 202 -14.04 -6.86 -11.69
N CYS A 203 -13.51 -7.71 -12.56
CA CYS A 203 -12.13 -7.66 -13.01
C CYS A 203 -12.09 -6.95 -14.36
N SER A 204 -11.22 -5.96 -14.50
CA SER A 204 -11.13 -5.25 -15.78
C SER A 204 -9.72 -5.36 -16.34
N VAL A 205 -9.61 -5.50 -17.67
CA VAL A 205 -8.35 -5.82 -18.32
C VAL A 205 -8.14 -4.89 -19.50
N MET A 206 -6.95 -4.32 -19.64
CA MET A 206 -6.61 -3.53 -20.82
C MET A 206 -5.48 -4.21 -21.58
N HIS A 207 -5.65 -4.32 -22.88
CA HIS A 207 -4.71 -5.06 -23.72
C HIS A 207 -4.99 -4.66 -25.16
N GLU A 208 -3.93 -4.52 -25.95
CA GLU A 208 -4.06 -3.93 -27.28
C GLU A 208 -5.00 -4.73 -28.18
N ALA A 209 -5.14 -6.03 -27.93
CA ALA A 209 -5.91 -6.90 -28.81
C ALA A 209 -7.39 -6.97 -28.47
N LEU A 210 -7.81 -6.38 -27.36
CA LEU A 210 -9.24 -6.28 -27.03
C LEU A 210 -9.91 -5.16 -27.83
N HIS A 211 -11.20 -5.35 -28.10
CA HIS A 211 -11.98 -4.26 -28.68
C HIS A 211 -11.99 -3.08 -27.72
N ASN A 212 -11.72 -1.88 -28.23
CA ASN A 212 -11.53 -0.68 -27.41
C ASN A 212 -10.49 -0.91 -26.30
N HIS A 213 -9.60 -1.90 -26.50
CA HIS A 213 -8.50 -2.22 -25.57
C HIS A 213 -9.01 -2.49 -24.17
N TYR A 214 -10.25 -2.95 -24.02
CA TYR A 214 -10.84 -3.03 -22.70
C TYR A 214 -11.85 -4.17 -22.63
N THR A 215 -11.85 -4.88 -21.52
CA THR A 215 -12.91 -5.83 -21.25
C THR A 215 -13.02 -6.01 -19.75
N GLN A 216 -14.21 -6.42 -19.30
CA GLN A 216 -14.45 -6.60 -17.88
C GLN A 216 -15.34 -7.80 -17.68
N LYS A 217 -15.16 -8.47 -16.54
CA LYS A 217 -15.95 -9.63 -16.16
C LYS A 217 -16.30 -9.49 -14.69
N SER A 218 -17.52 -9.86 -14.34
CA SER A 218 -18.00 -9.76 -12.97
C SER A 218 -17.95 -11.10 -12.24
N LEU A 219 -18.09 -11.02 -10.91
CA LEU A 219 -18.02 -12.16 -10.02
C LEU A 219 -18.88 -11.82 -8.81
N SER A 220 -19.81 -12.70 -8.46
CA SER A 220 -20.62 -12.50 -7.25
C SER A 220 -21.18 -13.82 -6.78
N LEU A 221 -21.61 -13.85 -5.52
CA LEU A 221 -22.10 -15.08 -4.94
C LEU A 221 -23.35 -15.58 -5.63
N SER A 222 -23.36 -16.86 -6.01
CA SER A 222 -24.56 -17.64 -6.37
C SER A 222 -24.15 -19.03 -6.85
N GLY B 15 33.61 -7.02 -20.28
CA GLY B 15 33.98 -7.78 -19.10
C GLY B 15 33.00 -8.89 -18.77
N PRO B 16 33.44 -9.88 -18.00
CA PRO B 16 32.58 -11.00 -17.62
C PRO B 16 31.56 -10.64 -16.55
N SER B 17 30.51 -11.46 -16.46
CA SER B 17 29.44 -11.27 -15.48
C SER B 17 29.22 -12.55 -14.67
N VAL B 18 28.76 -12.37 -13.43
CA VAL B 18 28.62 -13.48 -12.49
C VAL B 18 27.16 -13.55 -12.04
N PHE B 19 26.61 -14.76 -12.04
CA PHE B 19 25.28 -15.06 -11.51
C PHE B 19 25.41 -16.20 -10.51
N LEU B 20 24.74 -16.06 -9.38
CA LEU B 20 24.85 -17.03 -8.30
C LEU B 20 23.45 -17.57 -7.98
N PHE B 21 23.31 -18.90 -8.01
CA PHE B 21 21.98 -19.50 -7.92
C PHE B 21 21.83 -20.33 -6.64
N PRO B 22 20.67 -20.26 -5.98
CA PRO B 22 20.46 -21.02 -4.74
C PRO B 22 20.12 -22.47 -5.03
N PRO B 23 20.09 -23.33 -4.02
CA PRO B 23 19.65 -24.71 -4.25
C PRO B 23 18.18 -24.74 -4.61
N LYS B 24 17.77 -25.90 -5.10
CA LYS B 24 16.38 -26.11 -5.43
C LYS B 24 15.55 -26.23 -4.15
N PRO B 25 14.37 -25.58 -4.09
CA PRO B 25 13.50 -25.77 -2.92
C PRO B 25 13.34 -27.23 -2.55
N LYS B 26 13.19 -28.10 -3.56
CA LYS B 26 12.99 -29.52 -3.27
C LYS B 26 14.23 -30.16 -2.69
N ASP B 27 15.43 -29.71 -3.09
CA ASP B 27 16.65 -30.31 -2.57
C ASP B 27 16.84 -29.96 -1.11
N THR B 28 16.48 -28.75 -0.70
CA THR B 28 16.65 -28.37 0.70
C THR B 28 15.58 -28.95 1.60
N LEU B 29 14.40 -29.27 1.06
CA LEU B 29 13.29 -29.76 1.87
C LEU B 29 13.35 -31.26 2.13
N MET B 30 14.30 -31.96 1.51
CA MET B 30 14.47 -33.40 1.70
C MET B 30 15.90 -33.66 2.12
N ILE B 31 16.07 -34.31 3.27
CA ILE B 31 17.39 -34.73 3.72
C ILE B 31 18.04 -35.69 2.73
N SER B 32 17.27 -36.28 1.83
CA SER B 32 17.76 -37.30 0.90
C SER B 32 18.39 -36.73 -0.37
N ARG B 33 18.43 -35.41 -0.55
CA ARG B 33 18.84 -34.82 -1.82
C ARG B 33 20.11 -33.98 -1.65
N THR B 34 20.67 -33.57 -2.80
CA THR B 34 21.93 -32.84 -2.91
C THR B 34 21.69 -31.34 -3.11
N PRO B 35 21.65 -30.55 -2.05
CA PRO B 35 21.51 -29.10 -2.22
C PRO B 35 22.82 -28.48 -2.67
N GLU B 36 22.75 -27.65 -3.71
CA GLU B 36 23.93 -27.04 -4.33
C GLU B 36 23.69 -25.58 -4.61
N VAL B 37 24.70 -24.76 -4.35
CA VAL B 37 24.74 -23.39 -4.84
C VAL B 37 25.61 -23.35 -6.10
N THR B 38 25.17 -22.62 -7.13
CA THR B 38 25.85 -22.61 -8.41
C THR B 38 26.28 -21.20 -8.78
N CYS B 39 27.58 -21.02 -9.08
CA CYS B 39 28.15 -19.76 -9.50
C CYS B 39 28.48 -19.84 -10.99
N VAL B 40 27.85 -18.99 -11.80
CA VAL B 40 27.98 -19.05 -13.26
C VAL B 40 28.68 -17.79 -13.74
N VAL B 41 29.70 -17.96 -14.56
CA VAL B 41 30.43 -16.83 -15.12
C VAL B 41 30.18 -16.89 -16.62
N VAL B 42 29.72 -15.78 -17.18
CA VAL B 42 29.49 -15.68 -18.61
C VAL B 42 30.31 -14.50 -19.15
N ASP B 43 30.34 -14.39 -20.48
CA ASP B 43 31.16 -13.38 -21.16
C ASP B 43 32.63 -13.55 -20.84
N VAL B 44 33.10 -14.79 -20.79
CA VAL B 44 34.53 -15.07 -20.67
C VAL B 44 35.11 -15.17 -22.08
N SER B 45 36.06 -14.28 -22.39
CA SER B 45 36.57 -14.08 -23.74
C SER B 45 37.61 -15.16 -24.09
N HIS B 46 38.19 -15.01 -25.29
CA HIS B 46 39.31 -15.87 -25.68
C HIS B 46 40.64 -15.30 -25.21
N GLU B 47 40.84 -13.97 -25.30
CA GLU B 47 42.10 -13.39 -24.87
C GLU B 47 42.40 -13.65 -23.38
N ASP B 48 41.38 -13.83 -22.52
CA ASP B 48 41.52 -13.92 -21.06
C ASP B 48 40.60 -15.06 -20.60
N PRO B 49 40.95 -16.32 -20.88
CA PRO B 49 40.03 -17.43 -20.61
C PRO B 49 40.09 -17.98 -19.20
N GLU B 50 41.09 -17.61 -18.41
CA GLU B 50 41.23 -18.12 -17.05
C GLU B 50 40.11 -17.58 -16.17
N VAL B 51 39.50 -18.46 -15.38
CA VAL B 51 38.56 -18.06 -14.33
C VAL B 51 38.97 -18.77 -13.04
N LYS B 52 39.22 -18.00 -11.99
CA LYS B 52 39.49 -18.53 -10.67
C LYS B 52 38.29 -18.23 -9.76
N PHE B 53 37.83 -19.26 -9.02
CA PHE B 53 36.75 -19.16 -8.05
C PHE B 53 37.30 -19.31 -6.63
N ASN B 54 36.84 -18.46 -5.74
CA ASN B 54 37.02 -18.65 -4.30
C ASN B 54 35.66 -18.65 -3.62
N TRP B 55 35.40 -19.66 -2.80
CA TRP B 55 34.12 -19.80 -2.14
C TRP B 55 34.28 -19.63 -0.63
N TYR B 56 33.26 -19.03 0.00
CA TYR B 56 33.32 -18.75 1.42
C TYR B 56 31.99 -19.07 2.06
N VAL B 57 32.05 -19.61 3.26
CA VAL B 57 30.87 -19.82 4.09
C VAL B 57 31.10 -18.97 5.33
N ASP B 58 30.37 -17.86 5.44
CA ASP B 58 30.53 -16.87 6.53
C ASP B 58 31.92 -16.25 6.56
N GLY B 59 32.46 -15.95 5.38
CA GLY B 59 33.78 -15.38 5.32
C GLY B 59 34.90 -16.39 5.48
N VAL B 60 34.62 -17.63 5.87
CA VAL B 60 35.66 -18.66 5.93
C VAL B 60 35.69 -19.38 4.59
N GLU B 61 36.88 -19.47 4.00
CA GLU B 61 37.05 -20.14 2.71
C GLU B 61 36.75 -21.63 2.83
N VAL B 62 36.10 -22.18 1.81
CA VAL B 62 35.86 -23.61 1.71
C VAL B 62 36.38 -24.13 0.36
N HIS B 63 36.53 -25.45 0.26
CA HIS B 63 37.32 -26.02 -0.82
C HIS B 63 36.67 -27.19 -1.55
N ASN B 64 35.38 -27.44 -1.34
CA ASN B 64 34.76 -28.63 -1.90
C ASN B 64 34.06 -28.33 -3.22
N ALA B 65 34.19 -27.12 -3.75
CA ALA B 65 33.48 -26.76 -4.99
C ALA B 65 34.04 -27.54 -6.18
N LYS B 66 33.16 -27.85 -7.12
CA LYS B 66 33.50 -28.60 -8.32
C LYS B 66 33.34 -27.65 -9.49
N THR B 67 34.46 -27.22 -10.06
CA THR B 67 34.44 -26.28 -11.16
C THR B 67 34.45 -27.06 -12.47
N LYS B 68 33.56 -26.71 -13.36
CA LYS B 68 33.34 -27.51 -14.55
C LYS B 68 34.29 -27.06 -15.65
N PRO B 69 34.60 -27.92 -16.62
CA PRO B 69 35.35 -27.42 -17.79
C PRO B 69 34.57 -26.29 -18.45
N ARG B 70 35.29 -25.31 -18.98
CA ARG B 70 34.62 -24.21 -19.66
C ARG B 70 33.99 -24.69 -20.96
N GLU B 71 32.85 -24.08 -21.30
CA GLU B 71 32.10 -24.41 -22.51
C GLU B 71 32.06 -23.18 -23.42
N GLU B 72 32.50 -23.33 -24.66
CA GLU B 72 32.43 -22.18 -25.55
C GLU B 72 30.98 -21.91 -25.95
N GLN B 73 30.65 -20.63 -26.07
CA GLN B 73 29.30 -20.17 -26.42
C GLN B 73 29.24 -19.68 -27.87
N TYR B 74 28.01 -19.58 -28.37
CA TYR B 74 27.84 -19.21 -29.77
C TYR B 74 28.37 -17.82 -30.05
N ASN B 75 28.14 -16.87 -29.15
CA ASN B 75 28.62 -15.50 -29.35
C ASN B 75 30.12 -15.34 -29.10
N SER B 76 30.88 -16.44 -29.13
CA SER B 76 32.35 -16.39 -29.02
C SER B 76 32.79 -15.94 -27.63
N THR B 77 32.07 -16.41 -26.60
CA THR B 77 32.48 -16.26 -25.21
C THR B 77 32.51 -17.63 -24.56
N TYR B 78 33.13 -17.69 -23.38
CA TYR B 78 33.14 -18.90 -22.59
C TYR B 78 32.21 -18.73 -21.40
N ARG B 79 31.58 -19.83 -21.02
CA ARG B 79 30.79 -19.96 -19.80
C ARG B 79 31.44 -21.00 -18.89
N VAL B 80 31.59 -20.66 -17.62
CA VAL B 80 32.30 -21.48 -16.64
C VAL B 80 31.42 -21.54 -15.40
N VAL B 81 31.16 -22.75 -14.92
CA VAL B 81 30.26 -23.01 -13.80
C VAL B 81 31.05 -23.64 -12.65
N SER B 82 30.85 -23.14 -11.43
CA SER B 82 31.35 -23.77 -10.23
C SER B 82 30.18 -24.17 -9.33
N VAL B 83 30.17 -25.42 -8.84
CA VAL B 83 29.07 -25.97 -8.06
C VAL B 83 29.58 -26.25 -6.65
N LEU B 84 28.87 -25.76 -5.65
CA LEU B 84 29.25 -25.95 -4.24
C LEU B 84 28.15 -26.70 -3.54
N THR B 85 28.44 -27.91 -3.09
CA THR B 85 27.48 -28.67 -2.31
C THR B 85 27.50 -28.15 -0.88
N VAL B 86 26.30 -28.07 -0.27
CA VAL B 86 26.12 -27.44 1.04
C VAL B 86 25.28 -28.36 1.90
N LEU B 87 25.38 -28.17 3.22
CA LEU B 87 24.57 -28.94 4.16
C LEU B 87 23.18 -28.33 4.32
N HIS B 88 22.16 -29.19 4.41
CA HIS B 88 20.79 -28.70 4.61
C HIS B 88 20.70 -27.80 5.83
N GLN B 89 21.33 -28.22 6.91
CA GLN B 89 21.27 -27.53 8.20
C GLN B 89 22.10 -26.26 8.20
N ASP B 90 23.14 -26.20 7.37
CA ASP B 90 23.83 -24.93 7.17
C ASP B 90 22.98 -23.96 6.36
N TRP B 91 22.24 -24.46 5.36
CA TRP B 91 21.41 -23.57 4.54
C TRP B 91 20.18 -23.09 5.31
N LEU B 92 19.56 -23.96 6.13
CA LEU B 92 18.41 -23.50 6.88
C LEU B 92 18.79 -22.74 8.14
N ASN B 93 20.06 -22.74 8.53
CA ASN B 93 20.59 -21.86 9.56
C ASN B 93 20.95 -20.49 9.03
N GLY B 94 20.54 -20.16 7.80
CA GLY B 94 20.82 -18.84 7.26
C GLY B 94 22.28 -18.55 7.03
N LYS B 95 23.09 -19.57 6.72
CA LYS B 95 24.49 -19.31 6.44
C LYS B 95 24.64 -18.58 5.10
N GLU B 96 25.63 -17.67 5.03
CA GLU B 96 25.91 -16.90 3.81
C GLU B 96 26.96 -17.62 2.96
N TYR B 97 26.65 -17.76 1.66
CA TYR B 97 27.51 -18.44 0.70
C TYR B 97 27.96 -17.43 -0.33
N LYS B 98 29.27 -17.29 -0.48
CA LYS B 98 29.90 -16.23 -1.25
C LYS B 98 30.74 -16.84 -2.36
N CYS B 99 30.56 -16.32 -3.57
CA CYS B 99 31.37 -16.72 -4.72
C CYS B 99 32.22 -15.53 -5.14
N LYS B 100 33.54 -15.72 -5.21
CA LYS B 100 34.47 -14.69 -5.67
C LYS B 100 35.12 -15.16 -6.97
N VAL B 101 35.00 -14.36 -8.01
CA VAL B 101 35.39 -14.76 -9.35
C VAL B 101 36.53 -13.85 -9.81
N SER B 102 37.58 -14.46 -10.35
CA SER B 102 38.74 -13.71 -10.82
C SER B 102 39.02 -14.03 -12.28
N ASN B 103 39.23 -12.97 -13.08
CA ASN B 103 39.55 -13.11 -14.50
C ASN B 103 40.32 -11.87 -14.96
N LYS B 104 41.28 -12.06 -15.88
CA LYS B 104 42.21 -11.00 -16.24
C LYS B 104 41.52 -9.75 -16.77
N ALA B 105 40.33 -9.88 -17.34
CA ALA B 105 39.67 -8.70 -17.89
C ALA B 105 38.75 -8.02 -16.89
N LEU B 106 38.82 -8.37 -15.61
CA LEU B 106 38.00 -7.66 -14.62
C LEU B 106 38.81 -6.58 -13.93
N PRO B 107 38.33 -5.33 -13.88
CA PRO B 107 39.02 -4.31 -13.08
C PRO B 107 39.23 -4.74 -11.64
N ALA B 108 38.22 -5.37 -11.05
CA ALA B 108 38.31 -5.92 -9.70
C ALA B 108 37.59 -7.27 -9.70
N PRO B 109 37.92 -8.14 -8.76
CA PRO B 109 37.16 -9.39 -8.64
C PRO B 109 35.70 -9.09 -8.31
N ILE B 110 34.83 -10.03 -8.67
CA ILE B 110 33.39 -9.91 -8.44
C ILE B 110 33.01 -10.90 -7.35
N GLU B 111 32.21 -10.44 -6.40
CA GLU B 111 31.66 -11.29 -5.35
C GLU B 111 30.15 -11.25 -5.41
N LYS B 112 29.54 -12.42 -5.38
CA LYS B 112 28.12 -12.59 -5.16
C LYS B 112 27.94 -13.38 -3.87
N THR B 113 26.88 -13.08 -3.13
CA THR B 113 26.52 -13.79 -1.92
C THR B 113 25.05 -14.14 -1.97
N ILE B 114 24.68 -15.32 -1.47
CA ILE B 114 23.28 -15.70 -1.35
C ILE B 114 23.07 -16.41 -0.02
N SER B 115 21.82 -16.41 0.43
CA SER B 115 21.45 -17.10 1.64
C SER B 115 19.93 -17.24 1.66
N LYS B 116 19.45 -18.08 2.56
CA LYS B 116 18.03 -18.19 2.80
C LYS B 116 17.51 -16.87 3.39
N ALA B 117 16.34 -16.46 2.94
CA ALA B 117 15.75 -15.20 3.40
C ALA B 117 15.54 -15.22 4.91
N LYS B 118 15.79 -14.09 5.57
CA LYS B 118 15.58 -13.98 7.01
C LYS B 118 14.09 -13.83 7.31
N GLY B 119 13.70 -14.23 8.52
CA GLY B 119 12.31 -14.09 8.91
C GLY B 119 11.71 -15.37 9.43
N GLN B 120 10.61 -15.23 10.16
CA GLN B 120 9.93 -16.39 10.74
C GLN B 120 9.13 -17.11 9.66
N PRO B 121 9.20 -18.43 9.59
CA PRO B 121 8.46 -19.16 8.55
C PRO B 121 6.97 -19.07 8.81
N ARG B 122 6.21 -19.00 7.72
CA ARG B 122 4.75 -18.98 7.74
C ARG B 122 4.25 -20.07 6.81
N GLU B 123 3.28 -20.82 7.29
CA GLU B 123 2.76 -22.01 6.63
C GLU B 123 1.88 -21.62 5.44
N PRO B 124 2.07 -22.20 4.26
CA PRO B 124 1.13 -21.92 3.18
C PRO B 124 -0.25 -22.51 3.47
N GLN B 125 -1.28 -21.83 3.00
CA GLN B 125 -2.60 -22.42 2.80
C GLN B 125 -2.79 -22.73 1.33
N VAL B 126 -3.46 -23.83 1.03
CA VAL B 126 -3.58 -24.34 -0.34
C VAL B 126 -5.07 -24.51 -0.64
N TYR B 127 -5.55 -23.81 -1.67
CA TYR B 127 -6.93 -23.90 -2.13
C TYR B 127 -6.93 -24.34 -3.59
N THR B 128 -7.77 -25.30 -3.92
CA THR B 128 -7.95 -25.68 -5.31
C THR B 128 -9.22 -25.03 -5.83
N LEU B 129 -9.17 -24.66 -7.10
CA LEU B 129 -10.27 -23.92 -7.71
C LEU B 129 -10.64 -24.64 -9.00
N PRO B 130 -11.91 -24.97 -9.20
CA PRO B 130 -12.34 -25.59 -10.46
C PRO B 130 -12.33 -24.57 -11.59
N PRO B 131 -12.53 -25.00 -12.82
CA PRO B 131 -12.62 -24.02 -13.92
C PRO B 131 -13.84 -23.13 -13.78
N SER B 132 -13.72 -21.93 -14.31
CA SER B 132 -14.86 -21.06 -14.42
C SER B 132 -15.93 -21.74 -15.28
N ARG B 133 -17.20 -21.44 -14.98
CA ARG B 133 -18.25 -22.04 -15.80
C ARG B 133 -18.14 -21.57 -17.24
N ASP B 134 -17.69 -20.34 -17.47
CA ASP B 134 -17.48 -19.89 -18.84
C ASP B 134 -16.37 -20.64 -19.54
N GLU B 135 -15.45 -21.28 -18.81
CA GLU B 135 -14.37 -22.00 -19.47
C GLU B 135 -14.74 -23.43 -19.84
N LEU B 136 -15.89 -23.94 -19.39
CA LEU B 136 -16.39 -25.26 -19.82
C LEU B 136 -16.87 -25.29 -21.22
N THR B 137 -16.60 -24.25 -21.99
CA THR B 137 -16.90 -24.27 -23.40
C THR B 137 -15.72 -24.73 -24.22
N LYS B 138 -14.50 -24.43 -23.75
CA LYS B 138 -13.36 -24.87 -24.51
C LYS B 138 -13.08 -26.33 -24.20
N ASN B 139 -12.35 -26.99 -25.12
CA ASN B 139 -12.00 -28.40 -25.02
C ASN B 139 -10.88 -28.65 -24.02
N GLN B 140 -10.21 -27.62 -23.53
CA GLN B 140 -9.27 -27.71 -22.43
C GLN B 140 -9.77 -26.79 -21.34
N VAL B 141 -9.57 -27.19 -20.09
CA VAL B 141 -10.05 -26.39 -18.98
C VAL B 141 -8.88 -26.20 -18.03
N SER B 142 -8.98 -25.17 -17.18
CA SER B 142 -7.90 -24.83 -16.26
C SER B 142 -8.29 -25.19 -14.84
N LEU B 143 -7.48 -26.02 -14.18
CA LEU B 143 -7.60 -26.22 -12.74
C LEU B 143 -6.59 -25.31 -12.07
N THR B 144 -7.00 -24.63 -11.01
CA THR B 144 -6.15 -23.66 -10.36
C THR B 144 -5.81 -24.12 -8.94
N CYS B 145 -4.56 -23.94 -8.55
CA CYS B 145 -4.14 -24.11 -7.17
C CYS B 145 -3.64 -22.77 -6.69
N LEU B 146 -4.27 -22.23 -5.66
CA LEU B 146 -3.82 -21.02 -5.02
C LEU B 146 -3.09 -21.40 -3.74
N VAL B 147 -1.87 -20.94 -3.61
CA VAL B 147 -1.04 -21.22 -2.44
C VAL B 147 -0.69 -19.85 -1.87
N LYS B 148 -1.19 -19.55 -0.67
CA LYS B 148 -0.98 -18.22 -0.12
C LYS B 148 -0.58 -18.31 1.35
N GLY B 149 -0.02 -17.21 1.84
CA GLY B 149 0.36 -17.03 3.23
C GLY B 149 1.74 -17.52 3.63
N PHE B 150 2.60 -17.93 2.70
CA PHE B 150 3.83 -18.60 3.06
C PHE B 150 5.02 -17.64 3.13
N TYR B 151 5.98 -18.03 3.95
CA TYR B 151 7.27 -17.35 4.07
C TYR B 151 8.28 -18.37 4.61
N PRO B 152 9.49 -18.40 4.02
CA PRO B 152 9.97 -17.58 2.91
C PRO B 152 9.39 -18.02 1.57
N SER B 153 9.80 -17.36 0.49
CA SER B 153 9.19 -17.57 -0.82
C SER B 153 9.62 -18.88 -1.48
N ASP B 154 10.58 -19.61 -0.92
CA ASP B 154 11.02 -20.86 -1.53
C ASP B 154 9.98 -21.95 -1.37
N ILE B 155 9.53 -22.55 -2.48
CA ILE B 155 8.38 -23.44 -2.49
C ILE B 155 8.46 -24.28 -3.75
N ALA B 156 7.90 -25.48 -3.71
CA ALA B 156 7.77 -26.31 -4.91
C ALA B 156 6.33 -26.76 -5.03
N VAL B 157 5.79 -26.74 -6.24
CA VAL B 157 4.39 -27.07 -6.49
C VAL B 157 4.33 -28.03 -7.68
N GLU B 158 3.59 -29.11 -7.53
CA GLU B 158 3.36 -30.04 -8.63
C GLU B 158 1.93 -30.55 -8.59
N TRP B 159 1.61 -31.39 -9.58
CA TRP B 159 0.26 -31.90 -9.76
C TRP B 159 0.33 -33.40 -10.07
N GLU B 160 -0.71 -34.11 -9.65
CA GLU B 160 -0.78 -35.53 -9.98
C GLU B 160 -2.25 -35.92 -10.16
N SER B 161 -2.45 -37.09 -10.77
CA SER B 161 -3.79 -37.65 -10.90
C SER B 161 -3.67 -39.15 -11.12
N ASN B 162 -4.53 -39.91 -10.44
CA ASN B 162 -4.53 -41.37 -10.53
C ASN B 162 -3.12 -41.94 -10.36
N GLY B 163 -2.39 -41.41 -9.39
CA GLY B 163 -1.10 -41.93 -9.02
C GLY B 163 0.06 -41.53 -9.92
N GLN B 164 -0.19 -40.80 -11.00
CA GLN B 164 0.91 -40.43 -11.88
C GLN B 164 1.05 -38.91 -11.94
N PRO B 165 2.24 -38.39 -12.20
CA PRO B 165 2.41 -36.93 -12.22
C PRO B 165 1.76 -36.32 -13.45
N GLU B 166 1.19 -35.13 -13.28
CA GLU B 166 0.77 -34.32 -14.41
C GLU B 166 1.95 -33.46 -14.87
N ASN B 167 2.01 -33.19 -16.17
CA ASN B 167 3.05 -32.36 -16.75
C ASN B 167 2.56 -31.01 -17.24
N ASN B 168 1.30 -30.90 -17.62
CA ASN B 168 0.85 -29.76 -18.42
C ASN B 168 0.38 -28.61 -17.51
N TYR B 169 1.30 -28.13 -16.67
CA TYR B 169 0.97 -27.10 -15.72
C TYR B 169 2.03 -25.99 -15.79
N LYS B 170 1.61 -24.80 -15.39
CA LYS B 170 2.51 -23.65 -15.28
C LYS B 170 2.23 -22.96 -13.95
N THR B 171 3.28 -22.49 -13.30
CA THR B 171 3.16 -21.89 -11.98
C THR B 171 3.75 -20.48 -12.00
N THR B 172 3.02 -19.51 -11.46
CA THR B 172 3.55 -18.16 -11.38
C THR B 172 4.69 -18.11 -10.37
N PRO B 173 5.61 -17.15 -10.52
CA PRO B 173 6.57 -16.89 -9.45
C PRO B 173 5.84 -16.48 -8.18
N PRO B 174 6.47 -16.61 -7.02
CA PRO B 174 5.85 -16.07 -5.80
C PRO B 174 5.69 -14.56 -5.91
N VAL B 175 4.60 -14.05 -5.34
CA VAL B 175 4.26 -12.63 -5.35
C VAL B 175 4.07 -12.14 -3.92
N LEU B 176 4.70 -11.00 -3.60
CA LEU B 176 4.62 -10.48 -2.24
C LEU B 176 3.22 -9.95 -1.96
N ASP B 177 2.58 -10.46 -0.90
CA ASP B 177 1.28 -9.93 -0.52
C ASP B 177 1.50 -8.73 0.40
N SER B 178 0.42 -8.07 0.78
CA SER B 178 0.58 -6.83 1.54
C SER B 178 0.88 -7.07 3.02
N ASP B 179 0.78 -8.31 3.52
CA ASP B 179 1.18 -8.61 4.89
C ASP B 179 2.59 -9.20 4.99
N GLY B 180 3.39 -9.11 3.93
CA GLY B 180 4.75 -9.63 3.96
C GLY B 180 4.89 -11.10 3.62
N SER B 181 3.78 -11.84 3.50
CA SER B 181 3.84 -13.21 3.05
C SER B 181 3.74 -13.26 1.52
N PHE B 182 3.89 -14.45 0.96
CA PHE B 182 3.85 -14.63 -0.48
C PHE B 182 2.62 -15.44 -0.89
N PHE B 183 2.24 -15.30 -2.16
CA PHE B 183 1.24 -16.17 -2.76
C PHE B 183 1.69 -16.52 -4.16
N LEU B 184 1.17 -17.65 -4.65
CA LEU B 184 1.27 -17.91 -6.07
C LEU B 184 0.04 -18.66 -6.52
N TYR B 185 -0.06 -18.82 -7.82
CA TYR B 185 -1.02 -19.71 -8.44
C TYR B 185 -0.32 -20.71 -9.32
N SER B 186 -0.87 -21.92 -9.36
CA SER B 186 -0.43 -22.91 -10.31
C SER B 186 -1.63 -23.30 -11.19
N LYS B 187 -1.40 -23.42 -12.49
CA LYS B 187 -2.46 -23.67 -13.46
C LYS B 187 -2.18 -24.98 -14.18
N LEU B 188 -3.08 -25.95 -13.98
CA LEU B 188 -3.03 -27.24 -14.65
C LEU B 188 -4.08 -27.27 -15.74
N THR B 189 -3.66 -27.55 -16.97
CA THR B 189 -4.59 -27.59 -18.08
C THR B 189 -4.92 -29.05 -18.34
N VAL B 190 -6.20 -29.36 -18.49
CA VAL B 190 -6.61 -30.75 -18.70
C VAL B 190 -7.66 -30.83 -19.81
N ASP B 191 -7.62 -31.96 -20.53
CA ASP B 191 -8.69 -32.36 -21.44
C ASP B 191 -10.05 -32.28 -20.74
N LYS B 192 -10.97 -31.51 -21.33
CA LYS B 192 -12.27 -31.29 -20.71
C LYS B 192 -12.98 -32.60 -20.39
N SER B 193 -12.87 -33.59 -21.28
CA SER B 193 -13.51 -34.88 -21.02
C SER B 193 -12.87 -35.57 -19.83
N ARG B 194 -11.55 -35.46 -19.67
CA ARG B 194 -10.91 -36.08 -18.51
C ARG B 194 -11.41 -35.45 -17.21
N TRP B 195 -11.81 -34.18 -17.25
CA TRP B 195 -12.36 -33.53 -16.07
C TRP B 195 -13.84 -33.85 -15.88
N GLN B 196 -14.58 -34.03 -16.98
CA GLN B 196 -15.99 -34.34 -16.87
C GLN B 196 -16.22 -35.77 -16.40
N GLN B 197 -15.29 -36.68 -16.70
CA GLN B 197 -15.46 -38.08 -16.33
C GLN B 197 -14.97 -38.36 -14.91
N GLY B 198 -14.73 -37.33 -14.10
CA GLY B 198 -14.64 -37.49 -12.65
C GLY B 198 -13.26 -37.77 -12.09
N ASN B 199 -12.21 -37.72 -12.91
CA ASN B 199 -10.87 -37.94 -12.39
C ASN B 199 -10.53 -36.92 -11.31
N VAL B 200 -9.84 -37.39 -10.28
CA VAL B 200 -9.42 -36.56 -9.17
C VAL B 200 -8.05 -36.00 -9.51
N PHE B 201 -7.89 -34.68 -9.37
CA PHE B 201 -6.59 -34.05 -9.56
C PHE B 201 -6.12 -33.46 -8.23
N SER B 202 -4.82 -33.48 -8.01
CA SER B 202 -4.32 -32.91 -6.76
C SER B 202 -3.11 -32.03 -7.01
N CYS B 203 -3.05 -30.97 -6.22
CA CYS B 203 -1.94 -30.03 -6.19
C CYS B 203 -1.09 -30.37 -4.98
N SER B 204 0.19 -30.63 -5.21
CA SER B 204 1.14 -30.98 -4.16
C SER B 204 2.08 -29.81 -3.92
N VAL B 205 2.23 -29.42 -2.66
CA VAL B 205 3.03 -28.27 -2.26
C VAL B 205 4.08 -28.74 -1.26
N MET B 206 5.33 -28.32 -1.47
CA MET B 206 6.40 -28.55 -0.51
C MET B 206 6.95 -27.21 -0.05
N HIS B 207 7.06 -27.05 1.27
CA HIS B 207 7.51 -25.80 1.87
C HIS B 207 7.97 -26.13 3.29
N GLU B 208 8.89 -25.32 3.80
CA GLU B 208 9.55 -25.75 5.03
C GLU B 208 8.65 -25.66 6.25
N ALA B 209 7.60 -24.84 6.21
CA ALA B 209 6.71 -24.65 7.35
C ALA B 209 5.47 -25.53 7.29
N LEU B 210 5.37 -26.41 6.30
CA LEU B 210 4.34 -27.44 6.31
C LEU B 210 4.83 -28.63 7.13
N HIS B 211 3.88 -29.31 7.76
CA HIS B 211 4.22 -30.52 8.51
C HIS B 211 4.80 -31.57 7.58
N ASN B 212 5.94 -32.15 7.99
CA ASN B 212 6.76 -33.02 7.14
C ASN B 212 6.94 -32.45 5.72
N HIS B 213 6.87 -31.11 5.62
CA HIS B 213 7.30 -30.37 4.44
C HIS B 213 6.42 -30.63 3.22
N TYR B 214 5.16 -31.00 3.44
CA TYR B 214 4.33 -31.46 2.33
C TYR B 214 2.87 -31.37 2.72
N THR B 215 2.06 -30.86 1.80
CA THR B 215 0.61 -31.00 1.90
C THR B 215 0.08 -31.22 0.49
N GLN B 216 -1.20 -31.57 0.42
CA GLN B 216 -1.81 -31.99 -0.82
C GLN B 216 -3.28 -31.62 -0.77
N LYS B 217 -3.80 -31.15 -1.89
CA LYS B 217 -5.17 -30.67 -1.98
C LYS B 217 -5.75 -31.22 -3.27
N SER B 218 -6.89 -31.89 -3.18
CA SER B 218 -7.40 -32.62 -4.33
C SER B 218 -8.65 -31.94 -4.85
N LEU B 219 -8.95 -32.21 -6.13
CA LEU B 219 -9.97 -31.45 -6.84
C LEU B 219 -10.71 -32.39 -7.78
N SER B 220 -12.04 -32.34 -7.76
CA SER B 220 -12.87 -33.15 -8.64
C SER B 220 -14.14 -32.40 -9.04
N LEU B 221 -14.66 -32.76 -10.22
CA LEU B 221 -15.95 -32.27 -10.67
C LEU B 221 -16.99 -32.48 -9.57
N SER B 222 -17.67 -31.40 -9.20
CA SER B 222 -18.61 -31.42 -8.08
C SER B 222 -20.06 -31.59 -8.55
N GLY C 15 -0.46 39.09 -3.69
CA GLY C 15 -1.87 39.30 -3.95
C GLY C 15 -2.72 38.83 -2.78
N PRO C 16 -4.03 39.06 -2.87
CA PRO C 16 -4.95 38.47 -1.89
C PRO C 16 -5.19 36.99 -2.14
N SER C 17 -5.62 36.31 -1.09
CA SER C 17 -5.90 34.88 -1.15
C SER C 17 -7.30 34.62 -0.61
N VAL C 18 -7.93 33.57 -1.14
CA VAL C 18 -9.33 33.27 -0.86
C VAL C 18 -9.44 31.89 -0.22
N PHE C 19 -10.32 31.77 0.78
CA PHE C 19 -10.59 30.50 1.44
C PHE C 19 -12.09 30.32 1.58
N LEU C 20 -12.61 29.17 1.17
CA LEU C 20 -14.04 28.91 1.15
C LEU C 20 -14.39 27.80 2.14
N PHE C 21 -15.30 28.11 3.08
CA PHE C 21 -15.62 27.22 4.19
C PHE C 21 -17.06 26.74 4.13
N PRO C 22 -17.28 25.46 4.42
CA PRO C 22 -18.64 24.89 4.38
C PRO C 22 -19.42 25.21 5.63
N PRO C 23 -20.72 24.88 5.65
CA PRO C 23 -21.47 24.97 6.90
C PRO C 23 -21.10 23.84 7.86
N LYS C 24 -21.65 23.94 9.10
CA LYS C 24 -21.55 22.93 10.16
C LYS C 24 -22.56 21.82 9.91
N PRO C 25 -22.18 20.55 10.07
CA PRO C 25 -23.18 19.47 9.96
C PRO C 25 -24.46 19.70 10.75
N LYS C 26 -24.36 20.16 12.01
CA LYS C 26 -25.57 20.38 12.81
C LYS C 26 -26.49 21.44 12.22
N ASP C 27 -25.93 22.45 11.53
CA ASP C 27 -26.78 23.49 10.95
C ASP C 27 -27.53 22.96 9.74
N THR C 28 -26.88 22.12 8.93
CA THR C 28 -27.54 21.56 7.76
C THR C 28 -28.67 20.60 8.12
N LEU C 29 -28.55 19.92 9.27
CA LEU C 29 -29.47 18.83 9.62
C LEU C 29 -30.65 19.27 10.48
N MET C 30 -30.61 20.48 11.05
CA MET C 30 -31.74 21.05 11.77
C MET C 30 -32.26 22.26 11.00
N ILE C 31 -33.56 22.28 10.70
CA ILE C 31 -34.10 23.34 9.86
C ILE C 31 -34.28 24.65 10.62
N SER C 32 -34.33 24.61 11.96
CA SER C 32 -34.38 25.83 12.73
C SER C 32 -33.03 26.52 12.85
N ARG C 33 -31.96 25.93 12.33
CA ARG C 33 -30.64 26.55 12.31
C ARG C 33 -30.31 27.02 10.89
N THR C 34 -29.18 27.72 10.77
CA THR C 34 -28.87 28.53 9.59
C THR C 34 -27.52 28.13 9.01
N PRO C 35 -27.50 27.28 7.97
CA PRO C 35 -26.22 26.87 7.40
C PRO C 35 -25.71 27.91 6.42
N GLU C 36 -24.39 28.15 6.47
CA GLU C 36 -23.74 29.22 5.74
C GLU C 36 -22.47 28.69 5.09
N VAL C 37 -22.25 29.08 3.84
CA VAL C 37 -20.95 28.97 3.17
C VAL C 37 -20.27 30.31 3.29
N THR C 38 -18.98 30.31 3.63
CA THR C 38 -18.30 31.54 4.00
C THR C 38 -17.07 31.70 3.13
N CYS C 39 -16.99 32.84 2.44
CA CYS C 39 -15.89 33.13 1.54
C CYS C 39 -15.07 34.25 2.15
N VAL C 40 -13.84 33.92 2.54
CA VAL C 40 -12.93 34.80 3.27
C VAL C 40 -11.78 35.19 2.36
N VAL C 41 -11.54 36.48 2.23
CA VAL C 41 -10.44 37.04 1.46
C VAL C 41 -9.48 37.69 2.44
N VAL C 42 -8.21 37.30 2.38
CA VAL C 42 -7.17 37.86 3.24
C VAL C 42 -6.12 38.56 2.38
N ASP C 43 -5.20 39.24 3.07
CA ASP C 43 -4.10 39.97 2.43
C ASP C 43 -4.61 41.00 1.43
N VAL C 44 -5.69 41.70 1.80
CA VAL C 44 -6.17 42.82 1.00
C VAL C 44 -5.39 44.06 1.40
N SER C 45 -4.74 44.69 0.41
CA SER C 45 -3.88 45.82 0.68
C SER C 45 -4.69 47.09 0.93
N HIS C 46 -4.07 48.05 1.60
CA HIS C 46 -4.65 49.39 1.65
C HIS C 46 -4.61 50.05 0.27
N GLU C 47 -3.62 49.70 -0.55
CA GLU C 47 -3.54 50.01 -1.97
C GLU C 47 -4.91 49.98 -2.63
N ASP C 48 -5.45 48.77 -2.71
CA ASP C 48 -6.64 48.47 -3.50
C ASP C 48 -7.55 47.64 -2.61
N PRO C 49 -8.38 48.29 -1.79
CA PRO C 49 -9.16 47.57 -0.78
C PRO C 49 -10.50 47.04 -1.28
N GLU C 50 -10.88 47.39 -2.51
CA GLU C 50 -12.17 46.98 -3.05
C GLU C 50 -12.16 45.50 -3.40
N VAL C 51 -13.08 44.73 -2.85
CA VAL C 51 -13.21 43.32 -3.19
C VAL C 51 -14.64 43.08 -3.67
N LYS C 52 -14.78 42.42 -4.82
CA LYS C 52 -16.07 42.13 -5.41
C LYS C 52 -16.33 40.63 -5.31
N PHE C 53 -17.53 40.26 -4.88
CA PHE C 53 -17.90 38.86 -4.72
C PHE C 53 -19.01 38.50 -5.69
N ASN C 54 -18.82 37.41 -6.42
CA ASN C 54 -19.90 36.83 -7.20
C ASN C 54 -20.09 35.38 -6.76
N TRP C 55 -21.33 35.01 -6.52
CA TRP C 55 -21.67 33.72 -5.94
C TRP C 55 -22.50 32.93 -6.93
N TYR C 56 -22.24 31.64 -7.01
CA TYR C 56 -22.93 30.76 -7.95
C TYR C 56 -23.36 29.49 -7.25
N VAL C 57 -24.59 29.06 -7.52
CA VAL C 57 -25.12 27.80 -7.03
C VAL C 57 -25.39 26.94 -8.25
N ASP C 58 -24.68 25.81 -8.34
CA ASP C 58 -24.71 24.95 -9.51
C ASP C 58 -24.56 25.77 -10.80
N GLY C 59 -23.60 26.68 -10.79
CA GLY C 59 -23.23 27.46 -11.95
C GLY C 59 -24.08 28.68 -12.26
N VAL C 60 -25.09 28.98 -11.44
CA VAL C 60 -26.02 30.06 -11.71
C VAL C 60 -25.85 31.13 -10.65
N GLU C 61 -25.70 32.39 -11.08
CA GLU C 61 -25.44 33.48 -10.14
C GLU C 61 -26.61 33.67 -9.19
N VAL C 62 -26.31 33.86 -7.91
CA VAL C 62 -27.31 34.22 -6.91
C VAL C 62 -26.88 35.54 -6.30
N HIS C 63 -27.83 36.20 -5.61
CA HIS C 63 -27.60 37.59 -5.26
C HIS C 63 -27.91 37.94 -3.81
N ASN C 64 -28.07 36.96 -2.93
CA ASN C 64 -28.45 37.26 -1.56
C ASN C 64 -27.34 37.02 -0.54
N ALA C 65 -26.09 36.87 -0.99
CA ALA C 65 -24.98 36.85 -0.05
C ALA C 65 -24.93 38.16 0.73
N LYS C 66 -24.44 38.08 1.97
CA LYS C 66 -24.30 39.23 2.85
C LYS C 66 -22.82 39.43 3.08
N THR C 67 -22.29 40.52 2.56
CA THR C 67 -20.87 40.81 2.65
C THR C 67 -20.60 41.80 3.78
N LYS C 68 -19.67 41.48 4.58
CA LYS C 68 -19.36 42.27 5.76
C LYS C 68 -18.37 43.36 5.42
N PRO C 69 -18.35 44.48 6.13
CA PRO C 69 -17.32 45.49 5.85
C PRO C 69 -15.95 44.94 6.20
N ARG C 70 -14.94 45.39 5.45
CA ARG C 70 -13.59 44.93 5.70
C ARG C 70 -13.15 45.29 7.11
N GLU C 71 -12.23 44.50 7.65
CA GLU C 71 -11.68 44.72 8.97
C GLU C 71 -10.16 44.72 8.88
N GLU C 72 -9.55 45.66 9.59
CA GLU C 72 -8.10 45.79 9.64
C GLU C 72 -7.51 44.71 10.53
N GLN C 73 -6.43 44.08 10.05
CA GLN C 73 -5.94 42.80 10.57
C GLN C 73 -4.63 42.91 11.35
N TYR C 74 -4.28 44.08 11.84
CA TYR C 74 -3.06 44.23 12.64
C TYR C 74 -1.76 43.98 11.86
N ASN C 75 -1.70 42.96 11.01
CA ASN C 75 -0.62 42.89 10.03
C ASN C 75 -0.87 43.81 8.82
N SER C 76 -1.67 44.86 9.03
CA SER C 76 -1.86 45.98 8.11
C SER C 76 -2.51 45.57 6.79
N THR C 77 -3.18 44.44 6.76
CA THR C 77 -4.02 44.06 5.63
C THR C 77 -5.48 44.02 6.06
N TYR C 78 -6.36 43.92 5.08
CA TYR C 78 -7.79 43.80 5.31
C TYR C 78 -8.24 42.37 5.12
N ARG C 79 -9.22 41.96 5.91
CA ARG C 79 -9.91 40.70 5.75
C ARG C 79 -11.36 41.02 5.45
N VAL C 80 -11.88 40.45 4.35
CA VAL C 80 -13.21 40.73 3.84
C VAL C 80 -13.94 39.41 3.71
N VAL C 81 -15.14 39.33 4.29
CA VAL C 81 -15.90 38.10 4.41
C VAL C 81 -17.23 38.28 3.70
N SER C 82 -17.60 37.32 2.87
CA SER C 82 -18.94 37.26 2.31
C SER C 82 -19.57 35.94 2.73
N VAL C 83 -20.84 36.00 3.16
CA VAL C 83 -21.55 34.86 3.75
C VAL C 83 -22.79 34.57 2.92
N LEU C 84 -22.90 33.34 2.41
CA LEU C 84 -24.08 32.91 1.69
C LEU C 84 -24.86 31.94 2.56
N THR C 85 -26.10 32.26 2.85
CA THR C 85 -26.94 31.32 3.56
C THR C 85 -27.53 30.35 2.55
N VAL C 86 -27.40 29.05 2.82
CA VAL C 86 -27.77 28.02 1.87
C VAL C 86 -29.01 27.30 2.38
N LEU C 87 -29.85 26.87 1.45
CA LEU C 87 -30.98 26.01 1.80
C LEU C 87 -30.44 24.68 2.32
N HIS C 88 -31.05 24.20 3.41
CA HIS C 88 -30.67 22.93 4.01
C HIS C 88 -30.70 21.81 2.97
N GLN C 89 -31.83 21.68 2.28
CA GLN C 89 -31.97 20.63 1.28
C GLN C 89 -30.94 20.80 0.16
N ASP C 90 -30.61 22.04 -0.21
CA ASP C 90 -29.66 22.28 -1.29
C ASP C 90 -28.29 21.72 -0.95
N TRP C 91 -27.77 22.04 0.23
CA TRP C 91 -26.47 21.51 0.64
C TRP C 91 -26.51 19.99 0.72
N LEU C 92 -27.60 19.44 1.27
CA LEU C 92 -27.66 18.01 1.46
C LEU C 92 -27.82 17.28 0.14
N ASN C 93 -28.42 17.93 -0.86
CA ASN C 93 -28.55 17.36 -2.18
C ASN C 93 -27.28 17.44 -3.00
N GLY C 94 -26.23 18.07 -2.50
CA GLY C 94 -25.00 18.12 -3.24
C GLY C 94 -24.83 19.32 -4.15
N LYS C 95 -25.67 20.34 -4.04
CA LYS C 95 -25.46 21.50 -4.89
C LYS C 95 -24.06 22.06 -4.64
N GLU C 96 -23.51 22.60 -5.70
CA GLU C 96 -22.16 23.11 -5.68
C GLU C 96 -22.17 24.64 -5.51
N TYR C 97 -21.29 25.17 -4.64
CA TYR C 97 -21.28 26.60 -4.30
C TYR C 97 -19.94 27.21 -4.70
N LYS C 98 -20.00 28.28 -5.49
CA LYS C 98 -18.79 28.90 -6.02
C LYS C 98 -18.73 30.35 -5.61
N CYS C 99 -17.57 30.79 -5.16
CA CYS C 99 -17.28 32.16 -4.77
C CYS C 99 -16.20 32.67 -5.70
N LYS C 100 -16.51 33.74 -6.42
CA LYS C 100 -15.55 34.36 -7.33
C LYS C 100 -15.17 35.73 -6.79
N VAL C 101 -13.88 35.94 -6.60
CA VAL C 101 -13.39 37.15 -5.93
C VAL C 101 -12.59 37.96 -6.93
N SER C 102 -12.92 39.25 -7.06
CA SER C 102 -12.22 40.17 -7.93
C SER C 102 -11.56 41.27 -7.10
N ASN C 103 -10.32 41.60 -7.45
CA ASN C 103 -9.59 42.66 -6.77
C ASN C 103 -8.49 43.14 -7.70
N LYS C 104 -8.24 44.47 -7.68
CA LYS C 104 -7.26 45.07 -8.57
C LYS C 104 -5.94 44.32 -8.57
N ALA C 105 -5.44 43.98 -7.38
CA ALA C 105 -4.13 43.36 -7.22
C ALA C 105 -4.12 41.86 -7.55
N LEU C 106 -5.05 41.36 -8.34
CA LEU C 106 -5.05 39.96 -8.76
C LEU C 106 -4.89 39.87 -10.27
N PRO C 107 -3.94 39.06 -10.75
CA PRO C 107 -3.88 38.76 -12.20
C PRO C 107 -5.22 38.38 -12.80
N ALA C 108 -6.04 37.66 -12.05
CA ALA C 108 -7.34 37.19 -12.54
C ALA C 108 -8.22 36.92 -11.32
N PRO C 109 -9.54 36.86 -11.50
CA PRO C 109 -10.42 36.59 -10.35
C PRO C 109 -10.21 35.18 -9.80
N ILE C 110 -9.97 35.08 -8.49
CA ILE C 110 -9.81 33.78 -7.85
C ILE C 110 -11.18 33.14 -7.67
N GLU C 111 -11.32 31.89 -8.10
CA GLU C 111 -12.58 31.16 -7.95
C GLU C 111 -12.35 29.96 -7.05
N LYS C 112 -13.24 29.76 -6.10
CA LYS C 112 -13.19 28.54 -5.28
C LYS C 112 -14.58 27.99 -5.16
N THR C 113 -14.63 26.70 -4.87
CA THR C 113 -15.82 25.92 -5.15
C THR C 113 -15.89 24.76 -4.17
N ILE C 114 -16.99 24.63 -3.44
CA ILE C 114 -17.12 23.59 -2.42
C ILE C 114 -18.49 22.94 -2.50
N SER C 115 -18.58 21.69 -2.05
CA SER C 115 -19.85 21.00 -1.90
C SER C 115 -19.66 19.85 -0.91
N LYS C 116 -20.77 19.25 -0.50
CA LYS C 116 -20.68 18.06 0.35
C LYS C 116 -20.02 16.91 -0.40
N ALA C 117 -19.31 16.06 0.35
CA ALA C 117 -18.62 14.91 -0.21
C ALA C 117 -19.58 14.07 -1.04
N LYS C 118 -19.08 13.53 -2.16
CA LYS C 118 -19.92 12.79 -3.09
C LYS C 118 -19.94 11.30 -2.78
N GLY C 119 -21.08 10.67 -3.01
CA GLY C 119 -21.26 9.26 -2.75
C GLY C 119 -22.63 8.97 -2.17
N GLN C 120 -23.00 7.69 -2.18
CA GLN C 120 -24.34 7.28 -1.75
C GLN C 120 -24.50 7.38 -0.24
N PRO C 121 -25.49 8.10 0.27
CA PRO C 121 -25.72 8.14 1.72
C PRO C 121 -25.99 6.75 2.28
N ARG C 122 -25.36 6.44 3.41
CA ARG C 122 -25.59 5.21 4.15
C ARG C 122 -25.91 5.52 5.61
N GLU C 123 -26.98 4.93 6.10
CA GLU C 123 -27.42 5.19 7.45
C GLU C 123 -26.41 4.62 8.45
N PRO C 124 -26.16 5.31 9.54
CA PRO C 124 -25.31 4.75 10.59
C PRO C 124 -26.08 3.83 11.52
N GLN C 125 -25.37 2.83 12.03
CA GLN C 125 -25.87 1.99 13.11
C GLN C 125 -25.29 2.49 14.42
N VAL C 126 -26.14 2.64 15.44
CA VAL C 126 -25.78 3.30 16.69
C VAL C 126 -25.92 2.30 17.83
N TYR C 127 -24.81 2.04 18.54
CA TYR C 127 -24.88 1.11 19.67
C TYR C 127 -24.24 1.70 20.91
N THR C 128 -24.88 1.48 22.05
CA THR C 128 -24.37 1.95 23.32
C THR C 128 -23.69 0.80 24.05
N LEU C 129 -22.59 1.11 24.73
CA LEU C 129 -21.79 0.10 25.46
C LEU C 129 -21.60 0.57 26.90
N PRO C 130 -21.98 -0.23 27.89
CA PRO C 130 -21.80 0.15 29.28
C PRO C 130 -20.33 0.16 29.65
N PRO C 131 -19.99 0.61 30.86
CA PRO C 131 -18.60 0.55 31.29
C PRO C 131 -18.15 -0.88 31.52
N SER C 132 -16.87 -1.11 31.28
CA SER C 132 -16.27 -2.39 31.62
C SER C 132 -16.29 -2.60 33.13
N ARG C 133 -16.40 -3.86 33.56
CA ARG C 133 -16.41 -4.13 34.99
C ARG C 133 -15.07 -3.76 35.62
N ASP C 134 -13.98 -3.85 34.86
CA ASP C 134 -12.69 -3.39 35.37
C ASP C 134 -12.69 -1.89 35.61
N GLU C 135 -13.51 -1.14 34.88
CA GLU C 135 -13.55 0.30 35.10
C GLU C 135 -14.41 0.68 36.30
N LEU C 136 -15.37 -0.17 36.70
CA LEU C 136 -16.15 0.06 37.91
C LEU C 136 -15.29 0.02 39.17
N THR C 137 -13.97 -0.07 39.00
CA THR C 137 -13.04 0.07 40.12
C THR C 137 -12.78 1.55 40.43
N LYS C 138 -12.39 2.32 39.41
CA LYS C 138 -12.26 3.76 39.52
C LYS C 138 -13.64 4.39 39.78
N ASN C 139 -13.66 5.57 40.40
CA ASN C 139 -14.93 6.18 40.78
C ASN C 139 -15.56 7.02 39.67
N GLN C 140 -14.95 7.11 38.49
CA GLN C 140 -15.64 7.60 37.29
C GLN C 140 -15.68 6.47 36.27
N VAL C 141 -16.79 6.34 35.56
CA VAL C 141 -16.93 5.32 34.54
C VAL C 141 -17.13 6.01 33.20
N SER C 142 -16.75 5.31 32.13
CA SER C 142 -16.95 5.76 30.76
C SER C 142 -18.15 5.05 30.14
N LEU C 143 -19.06 5.81 29.55
CA LEU C 143 -20.18 5.28 28.79
C LEU C 143 -19.88 5.49 27.30
N THR C 144 -20.06 4.44 26.50
CA THR C 144 -19.57 4.47 25.13
C THR C 144 -20.71 4.42 24.13
N CYS C 145 -20.59 5.24 23.08
CA CYS C 145 -21.50 5.22 21.95
C CYS C 145 -20.69 4.88 20.71
N LEU C 146 -21.08 3.81 20.02
CA LEU C 146 -20.42 3.39 18.79
C LEU C 146 -21.39 3.68 17.66
N VAL C 147 -20.92 4.44 16.67
CA VAL C 147 -21.70 4.81 15.49
C VAL C 147 -20.92 4.32 14.30
N LYS C 148 -21.50 3.43 13.49
CA LYS C 148 -20.72 2.81 12.43
C LYS C 148 -21.52 2.73 11.14
N GLY C 149 -20.78 2.54 10.04
CA GLY C 149 -21.41 2.31 8.76
C GLY C 149 -22.07 3.50 8.10
N PHE C 150 -21.66 4.73 8.45
CA PHE C 150 -22.29 5.90 7.87
C PHE C 150 -21.44 6.51 6.77
N TYR C 151 -22.12 7.24 5.88
CA TYR C 151 -21.52 8.00 4.78
C TYR C 151 -22.48 9.15 4.43
N PRO C 152 -21.95 10.34 4.12
CA PRO C 152 -20.55 10.74 4.22
C PRO C 152 -20.19 10.93 5.69
N SER C 153 -19.01 11.44 5.98
CA SER C 153 -18.54 11.53 7.36
C SER C 153 -19.17 12.65 8.17
N ASP C 154 -20.03 13.48 7.59
CA ASP C 154 -20.61 14.62 8.28
C ASP C 154 -21.67 14.14 9.28
N ILE C 155 -21.47 14.44 10.57
CA ILE C 155 -22.26 13.81 11.62
C ILE C 155 -22.14 14.65 12.89
N ALA C 156 -23.17 14.59 13.74
CA ALA C 156 -23.12 15.20 15.05
C ALA C 156 -23.58 14.21 16.12
N VAL C 157 -22.91 14.23 17.27
CA VAL C 157 -23.23 13.36 18.39
C VAL C 157 -23.28 14.18 19.66
N GLU C 158 -24.33 14.01 20.45
CA GLU C 158 -24.45 14.59 21.78
C GLU C 158 -24.93 13.53 22.76
N TRP C 159 -24.82 13.86 24.04
CA TRP C 159 -25.33 13.02 25.10
C TRP C 159 -26.40 13.78 25.88
N GLU C 160 -27.33 13.01 26.44
CA GLU C 160 -28.45 13.55 27.19
C GLU C 160 -28.69 12.67 28.41
N SER C 161 -29.18 13.29 29.47
CA SER C 161 -29.71 12.56 30.61
C SER C 161 -30.83 13.40 31.20
N ASN C 162 -32.07 12.91 31.09
CA ASN C 162 -33.25 13.54 31.69
C ASN C 162 -33.57 14.89 31.02
N GLY C 163 -33.56 14.89 29.68
CA GLY C 163 -33.92 16.07 28.90
C GLY C 163 -32.87 17.14 28.88
N GLN C 164 -31.79 16.94 29.59
CA GLN C 164 -30.80 17.96 29.65
C GLN C 164 -29.47 17.46 29.09
N PRO C 165 -28.86 18.18 28.12
CA PRO C 165 -27.49 17.87 27.71
C PRO C 165 -26.54 17.46 28.83
N GLU C 166 -25.75 16.43 28.54
CA GLU C 166 -24.57 16.07 29.30
C GLU C 166 -23.35 16.58 28.54
N ASN C 167 -22.43 17.24 29.23
CA ASN C 167 -21.33 17.93 28.58
C ASN C 167 -19.96 17.28 28.78
N ASN C 168 -19.84 16.33 29.69
CA ASN C 168 -18.55 15.71 30.01
C ASN C 168 -18.25 14.54 29.07
N TYR C 169 -18.23 14.84 27.76
CA TYR C 169 -17.94 13.81 26.78
C TYR C 169 -16.93 14.32 25.75
N LYS C 170 -16.30 13.35 25.07
CA LYS C 170 -15.45 13.59 23.91
C LYS C 170 -15.76 12.56 22.84
N THR C 171 -15.66 12.96 21.58
CA THR C 171 -16.01 12.12 20.43
C THR C 171 -14.81 12.00 19.51
N THR C 172 -14.55 10.80 18.99
CA THR C 172 -13.43 10.66 18.06
C THR C 172 -13.84 11.27 16.73
N PRO C 173 -12.88 11.61 15.87
CA PRO C 173 -13.26 12.00 14.51
C PRO C 173 -13.69 10.78 13.71
N PRO C 174 -14.43 10.97 12.62
CA PRO C 174 -14.78 9.84 11.75
C PRO C 174 -13.53 9.07 11.32
N VAL C 175 -13.63 7.75 11.31
CA VAL C 175 -12.54 6.89 10.87
C VAL C 175 -13.04 6.05 9.69
N LEU C 176 -12.21 5.92 8.67
CA LEU C 176 -12.55 5.16 7.47
C LEU C 176 -12.52 3.65 7.75
N ASP C 177 -13.66 2.97 7.53
CA ASP C 177 -13.76 1.53 7.71
C ASP C 177 -13.47 0.81 6.39
N SER C 178 -13.40 -0.53 6.47
CA SER C 178 -12.95 -1.35 5.34
C SER C 178 -13.95 -1.46 4.21
N ASP C 179 -15.14 -0.90 4.33
CA ASP C 179 -16.16 -0.94 3.30
C ASP C 179 -16.54 0.46 2.84
N GLY C 180 -15.59 1.40 2.96
CA GLY C 180 -15.82 2.77 2.61
C GLY C 180 -16.77 3.54 3.50
N SER C 181 -17.42 2.89 4.46
CA SER C 181 -18.21 3.65 5.41
C SER C 181 -17.30 4.25 6.47
N PHE C 182 -17.87 5.04 7.37
CA PHE C 182 -17.11 5.60 8.48
C PHE C 182 -17.66 5.10 9.80
N PHE C 183 -16.83 5.18 10.84
CA PHE C 183 -17.28 4.93 12.20
C PHE C 183 -16.61 5.93 13.13
N LEU C 184 -17.20 6.10 14.31
CA LEU C 184 -16.58 6.86 15.38
C LEU C 184 -17.04 6.30 16.71
N TYR C 185 -16.43 6.79 17.77
CA TYR C 185 -16.90 6.51 19.12
C TYR C 185 -17.05 7.82 19.87
N SER C 186 -18.06 7.90 20.74
CA SER C 186 -18.22 8.99 21.70
C SER C 186 -18.17 8.43 23.13
N LYS C 187 -17.50 9.15 24.02
CA LYS C 187 -17.23 8.69 25.38
C LYS C 187 -17.73 9.71 26.38
N LEU C 188 -18.67 9.31 27.23
CA LEU C 188 -19.24 10.17 28.25
C LEU C 188 -18.76 9.68 29.61
N THR C 189 -18.10 10.55 30.35
CA THR C 189 -17.58 10.20 31.67
C THR C 189 -18.56 10.68 32.74
N VAL C 190 -18.92 9.78 33.65
CA VAL C 190 -19.76 10.11 34.79
C VAL C 190 -19.18 9.41 36.02
N ASP C 191 -19.40 10.03 37.18
CA ASP C 191 -19.07 9.42 38.46
C ASP C 191 -19.69 8.02 38.57
N LYS C 192 -18.86 7.03 38.89
CA LYS C 192 -19.39 5.69 39.12
C LYS C 192 -20.54 5.73 40.11
N SER C 193 -20.50 6.68 41.05
CA SER C 193 -21.53 6.93 42.05
C SER C 193 -22.68 7.77 41.49
N ARG C 194 -22.97 7.59 40.22
CA ARG C 194 -24.15 8.15 39.58
C ARG C 194 -24.73 7.22 38.54
N TRP C 195 -23.88 6.46 37.85
CA TRP C 195 -24.30 5.35 37.01
C TRP C 195 -25.10 4.31 37.81
N GLN C 196 -24.67 4.04 39.05
CA GLN C 196 -25.27 2.98 39.87
C GLN C 196 -26.69 3.27 40.37
N GLN C 197 -27.31 4.36 39.97
CA GLN C 197 -28.67 4.68 40.43
C GLN C 197 -29.71 4.46 39.35
N GLY C 198 -29.34 3.80 38.26
CA GLY C 198 -30.30 3.54 37.21
C GLY C 198 -30.68 4.71 36.34
N ASN C 199 -30.03 5.87 36.54
CA ASN C 199 -30.19 6.99 35.61
C ASN C 199 -30.05 6.49 34.17
N VAL C 200 -30.91 6.99 33.31
CA VAL C 200 -30.90 6.63 31.90
C VAL C 200 -30.16 7.73 31.15
N PHE C 201 -29.06 7.37 30.52
CA PHE C 201 -28.30 8.28 29.67
C PHE C 201 -28.56 7.92 28.21
N SER C 202 -28.37 8.90 27.32
CA SER C 202 -28.70 8.65 25.93
C SER C 202 -27.68 9.28 25.00
N CYS C 203 -27.35 8.55 23.95
CA CYS C 203 -26.49 8.99 22.85
C CYS C 203 -27.42 9.44 21.73
N SER C 204 -27.21 10.66 21.23
CA SER C 204 -28.02 11.16 20.12
C SER C 204 -27.13 11.43 18.93
N VAL C 205 -27.56 10.98 17.77
CA VAL C 205 -26.76 11.02 16.54
C VAL C 205 -27.57 11.73 15.47
N MET C 206 -27.01 12.79 14.91
CA MET C 206 -27.66 13.52 13.83
C MET C 206 -26.88 13.28 12.55
N HIS C 207 -27.59 12.87 11.52
CA HIS C 207 -26.99 12.48 10.27
C HIS C 207 -28.07 12.53 9.20
N GLU C 208 -27.65 12.62 7.94
CA GLU C 208 -28.63 12.91 6.91
C GLU C 208 -29.40 11.67 6.46
N ALA C 209 -28.89 10.49 6.74
CA ALA C 209 -29.56 9.27 6.35
C ALA C 209 -30.50 8.74 7.42
N LEU C 210 -30.64 9.44 8.56
CA LEU C 210 -31.57 9.01 9.59
C LEU C 210 -32.95 9.59 9.33
N HIS C 211 -33.97 8.85 9.76
CA HIS C 211 -35.34 9.37 9.71
C HIS C 211 -35.44 10.59 10.61
N ASN C 212 -35.78 11.73 10.01
CA ASN C 212 -35.80 13.04 10.67
C ASN C 212 -34.42 13.50 11.10
N HIS C 213 -33.38 13.05 10.38
CA HIS C 213 -32.00 13.40 10.70
C HIS C 213 -31.72 13.21 12.18
N TYR C 214 -32.21 12.11 12.74
CA TYR C 214 -32.11 11.95 14.18
C TYR C 214 -32.23 10.49 14.57
N THR C 215 -31.48 10.11 15.61
CA THR C 215 -31.76 8.87 16.31
C THR C 215 -31.13 8.96 17.69
N GLN C 216 -31.66 8.16 18.60
CA GLN C 216 -31.33 8.21 20.01
C GLN C 216 -31.21 6.79 20.51
N LYS C 217 -30.25 6.56 21.40
CA LYS C 217 -30.09 5.24 22.01
C LYS C 217 -29.81 5.40 23.49
N SER C 218 -30.48 4.61 24.31
CA SER C 218 -30.38 4.71 25.76
C SER C 218 -29.33 3.77 26.32
N LEU C 219 -28.76 4.15 27.45
CA LEU C 219 -27.80 3.33 28.17
C LEU C 219 -28.14 3.42 29.65
N SER C 220 -28.48 2.29 30.26
CA SER C 220 -28.88 2.27 31.65
C SER C 220 -28.35 1.01 32.30
N LEU C 221 -27.98 1.13 33.58
CA LEU C 221 -27.63 -0.06 34.35
C LEU C 221 -28.86 -0.94 34.49
N SER C 222 -28.75 -2.16 33.96
CA SER C 222 -29.89 -3.06 33.81
C SER C 222 -29.43 -4.35 33.14
N VAL D 18 9.78 23.64 3.56
CA VAL D 18 10.46 22.73 4.50
C VAL D 18 9.54 22.23 5.59
N PHE D 19 9.26 20.93 5.60
CA PHE D 19 8.46 20.33 6.66
C PHE D 19 9.24 19.17 7.29
N LEU D 20 8.98 18.93 8.57
CA LEU D 20 9.77 18.00 9.37
C LEU D 20 8.84 17.05 10.11
N PHE D 21 9.06 15.74 9.94
CA PHE D 21 8.12 14.75 10.42
C PHE D 21 8.75 13.77 11.42
N PRO D 22 8.02 13.39 12.46
CA PRO D 22 8.59 12.52 13.49
C PRO D 22 8.54 11.06 13.04
N PRO D 23 9.07 10.15 13.84
CA PRO D 23 8.90 8.73 13.53
C PRO D 23 7.52 8.24 13.96
N LYS D 24 7.12 7.13 13.36
CA LYS D 24 5.90 6.46 13.78
C LYS D 24 6.00 5.94 15.20
N PRO D 25 4.92 6.04 15.96
CA PRO D 25 4.92 5.44 17.30
C PRO D 25 5.24 3.97 17.26
N LYS D 26 4.64 3.23 16.33
CA LYS D 26 4.98 1.82 16.18
C LYS D 26 6.50 1.64 16.05
N ASP D 27 7.12 2.47 15.21
CA ASP D 27 8.55 2.32 14.97
C ASP D 27 9.37 2.64 16.21
N THR D 28 9.02 3.69 16.94
CA THR D 28 9.77 4.00 18.15
C THR D 28 9.58 2.93 19.23
N LEU D 29 8.43 2.27 19.26
CA LEU D 29 8.12 1.35 20.34
C LEU D 29 8.60 -0.09 20.10
N MET D 30 9.00 -0.47 18.89
CA MET D 30 9.37 -1.85 18.59
C MET D 30 10.86 -1.97 18.28
N ILE D 31 11.56 -2.87 19.00
CA ILE D 31 13.02 -2.99 18.92
C ILE D 31 13.51 -3.35 17.52
N SER D 32 12.68 -3.96 16.68
CA SER D 32 13.14 -4.38 15.36
C SER D 32 12.80 -3.39 14.25
N ARG D 33 12.23 -2.25 14.57
CA ARG D 33 11.85 -1.25 13.58
C ARG D 33 12.80 -0.06 13.63
N THR D 34 12.84 0.70 12.55
CA THR D 34 13.78 1.81 12.40
C THR D 34 13.05 3.14 12.54
N PRO D 35 13.12 3.80 13.69
CA PRO D 35 12.50 5.13 13.83
C PRO D 35 13.31 6.20 13.10
N GLU D 36 12.61 6.98 12.28
CA GLU D 36 13.22 7.99 11.41
C GLU D 36 12.55 9.34 11.59
N VAL D 37 13.35 10.40 11.73
CA VAL D 37 12.86 11.77 11.57
C VAL D 37 13.18 12.20 10.15
N THR D 38 12.21 12.85 9.49
CA THR D 38 12.30 13.14 8.07
C THR D 38 12.06 14.62 7.81
N CYS D 39 13.00 15.23 7.08
CA CYS D 39 12.94 16.62 6.67
C CYS D 39 12.66 16.68 5.17
N VAL D 40 11.50 17.21 4.80
CA VAL D 40 11.12 17.38 3.39
C VAL D 40 11.06 18.86 3.07
N VAL D 41 11.39 19.21 1.84
CA VAL D 41 11.32 20.59 1.38
C VAL D 41 10.41 20.67 0.15
N VAL D 42 9.43 21.57 0.21
CA VAL D 42 8.44 21.77 -0.83
C VAL D 42 8.70 23.13 -1.48
N ASP D 43 8.25 23.27 -2.72
CA ASP D 43 8.32 24.55 -3.45
C ASP D 43 9.77 24.94 -3.70
N ASP D 48 17.35 27.35 -8.23
CA ASP D 48 18.05 27.10 -6.99
C ASP D 48 18.11 25.65 -6.68
N PRO D 49 18.72 24.83 -7.55
CA PRO D 49 18.63 23.40 -7.40
C PRO D 49 19.70 22.76 -6.52
N GLU D 50 19.87 23.33 -5.30
CA GLU D 50 20.91 22.94 -4.41
C GLU D 50 20.44 23.24 -2.99
N VAL D 51 20.48 22.21 -2.14
CA VAL D 51 20.00 22.28 -0.76
C VAL D 51 20.93 21.42 0.09
N LYS D 52 21.48 22.01 1.16
CA LYS D 52 22.40 21.27 2.03
C LYS D 52 21.85 21.20 3.44
N PHE D 53 21.47 19.99 3.86
CA PHE D 53 20.87 19.73 5.16
C PHE D 53 21.93 19.73 6.25
N ASN D 54 21.58 20.32 7.40
CA ASN D 54 22.36 20.20 8.61
C ASN D 54 21.47 19.65 9.71
N TRP D 55 21.94 18.62 10.40
CA TRP D 55 21.20 17.94 11.44
C TRP D 55 21.87 18.14 12.79
N TYR D 56 21.05 18.38 13.81
CA TYR D 56 21.54 18.57 15.17
C TYR D 56 20.71 17.73 16.13
N VAL D 57 21.40 17.12 17.10
CA VAL D 57 20.76 16.35 18.16
C VAL D 57 21.17 17.02 19.47
N ASP D 58 20.20 17.59 20.16
CA ASP D 58 20.47 18.42 21.34
C ASP D 58 21.56 19.45 21.05
N GLY D 59 21.38 20.15 19.94
CA GLY D 59 22.30 21.21 19.52
C GLY D 59 23.56 20.74 18.85
N VAL D 60 23.95 19.47 19.00
CA VAL D 60 25.20 18.96 18.46
C VAL D 60 24.97 18.43 17.05
N GLU D 61 25.87 18.78 16.13
CA GLU D 61 25.72 18.39 14.74
C GLU D 61 26.05 16.91 14.57
N VAL D 62 25.23 16.23 13.76
CA VAL D 62 25.46 14.84 13.43
C VAL D 62 25.64 14.72 11.92
N HIS D 63 26.33 13.67 11.51
CA HIS D 63 26.70 13.49 10.12
C HIS D 63 26.15 12.23 9.48
N ASN D 64 25.62 11.30 10.27
CA ASN D 64 25.15 10.01 9.75
C ASN D 64 23.74 10.08 9.19
N ALA D 65 23.26 11.25 8.76
CA ALA D 65 22.00 11.29 8.06
C ALA D 65 22.17 10.64 6.69
N LYS D 66 21.06 10.52 5.97
CA LYS D 66 21.08 9.93 4.63
C LYS D 66 20.18 10.75 3.73
N THR D 67 20.79 11.56 2.86
CA THR D 67 20.05 12.41 1.95
C THR D 67 19.76 11.67 0.65
N LYS D 68 18.53 11.84 0.14
CA LYS D 68 18.10 11.10 -1.03
C LYS D 68 17.91 12.05 -2.22
N PRO D 69 18.07 11.57 -3.45
CA PRO D 69 18.22 12.50 -4.58
C PRO D 69 16.95 13.28 -4.84
N ARG D 70 17.15 14.51 -5.29
CA ARG D 70 16.07 15.34 -5.81
C ARG D 70 15.31 14.62 -6.92
N GLU D 71 14.08 14.23 -6.62
CA GLU D 71 13.20 13.75 -7.67
C GLU D 71 12.26 14.89 -8.03
N ASN D 75 4.51 19.12 -11.57
CA ASN D 75 4.04 20.49 -11.44
C ASN D 75 5.18 21.49 -11.34
N SER D 76 6.39 21.03 -11.65
CA SER D 76 7.52 21.88 -11.97
C SER D 76 8.02 22.66 -10.75
N THR D 77 7.97 22.03 -9.58
CA THR D 77 8.62 22.57 -8.40
C THR D 77 9.32 21.41 -7.70
N TYR D 78 10.60 21.61 -7.40
CA TYR D 78 11.46 20.51 -6.99
C TYR D 78 11.09 20.01 -5.58
N ARG D 79 11.56 18.79 -5.25
CA ARG D 79 11.29 18.18 -3.94
C ARG D 79 12.53 17.41 -3.47
N VAL D 80 12.92 17.58 -2.21
CA VAL D 80 14.09 16.89 -1.66
C VAL D 80 13.88 16.54 -0.19
N VAL D 81 14.33 15.33 0.19
CA VAL D 81 14.04 14.69 1.46
C VAL D 81 15.36 14.25 2.12
N SER D 82 15.47 14.43 3.44
CA SER D 82 16.57 13.88 4.21
C SER D 82 16.04 13.14 5.42
N VAL D 83 16.66 11.99 5.73
CA VAL D 83 16.17 11.09 6.76
C VAL D 83 17.28 10.79 7.76
N LEU D 84 16.98 11.00 9.03
CA LEU D 84 17.90 10.69 10.11
C LEU D 84 17.27 9.62 10.99
N THR D 85 18.00 8.54 11.20
CA THR D 85 17.58 7.52 12.13
C THR D 85 17.85 7.98 13.55
N VAL D 86 16.85 7.92 14.40
CA VAL D 86 17.05 8.25 15.81
C VAL D 86 17.17 6.97 16.61
N LEU D 87 17.91 7.02 17.71
CA LEU D 87 17.96 5.88 18.60
C LEU D 87 16.62 5.74 19.29
N HIS D 88 16.17 4.49 19.48
CA HIS D 88 14.91 4.29 20.17
C HIS D 88 14.93 4.97 21.53
N GLN D 89 15.98 4.72 22.33
CA GLN D 89 16.03 5.29 23.67
C GLN D 89 16.17 6.82 23.62
N ASP D 90 16.86 7.35 22.61
CA ASP D 90 17.03 8.80 22.50
C ASP D 90 15.69 9.50 22.35
N TRP D 91 14.89 9.05 21.39
CA TRP D 91 13.59 9.64 21.16
C TRP D 91 12.72 9.54 22.41
N LEU D 92 12.70 8.36 23.04
CA LEU D 92 11.86 8.19 24.23
C LEU D 92 12.32 9.11 25.36
N ASN D 93 13.61 9.40 25.42
CA ASN D 93 14.18 10.25 26.48
C ASN D 93 14.14 11.74 26.17
N GLY D 94 13.41 12.16 25.14
CA GLY D 94 13.24 13.58 24.90
C GLY D 94 14.39 14.30 24.24
N LYS D 95 15.28 13.59 23.55
CA LYS D 95 16.28 14.27 22.73
C LYS D 95 15.59 15.12 21.68
N GLU D 96 16.15 16.31 21.43
CA GLU D 96 15.57 17.25 20.47
C GLU D 96 16.33 17.17 19.16
N TYR D 97 15.60 17.09 18.06
CA TYR D 97 16.20 16.91 16.74
C TYR D 97 15.88 18.13 15.87
N LYS D 98 16.93 18.77 15.35
CA LYS D 98 16.80 20.01 14.59
C LYS D 98 17.23 19.80 13.16
N CYS D 99 16.42 20.29 12.21
CA CYS D 99 16.74 20.24 10.79
C CYS D 99 16.94 21.65 10.26
N LYS D 100 18.09 21.91 9.64
CA LYS D 100 18.39 23.19 8.98
C LYS D 100 18.57 22.96 7.49
N VAL D 101 17.81 23.66 6.66
CA VAL D 101 18.02 23.54 5.22
C VAL D 101 18.60 24.85 4.73
N SER D 102 19.45 24.77 3.71
CA SER D 102 20.16 25.95 3.19
C SER D 102 19.94 26.06 1.70
N PRO D 107 16.75 33.76 2.17
CA PRO D 107 17.76 34.70 2.67
C PRO D 107 18.53 34.18 3.87
N ALA D 108 17.78 33.72 4.87
CA ALA D 108 18.27 33.08 6.07
C ALA D 108 18.02 31.57 6.00
N PRO D 109 18.88 30.75 6.59
CA PRO D 109 18.59 29.30 6.64
C PRO D 109 17.33 29.06 7.46
N ILE D 110 16.48 28.15 7.00
CA ILE D 110 15.32 27.80 7.84
C ILE D 110 15.70 26.60 8.70
N GLU D 111 15.12 26.60 9.89
CA GLU D 111 15.45 25.72 10.99
C GLU D 111 14.16 25.25 11.64
N LYS D 112 14.10 23.95 11.96
CA LYS D 112 12.92 23.37 12.58
C LYS D 112 13.37 22.26 13.51
N THR D 113 12.65 22.11 14.62
CA THR D 113 12.96 21.08 15.60
C THR D 113 11.73 20.23 15.86
N ILE D 114 11.96 18.95 16.08
CA ILE D 114 10.95 18.06 16.62
C ILE D 114 11.54 17.32 17.81
N SER D 115 10.67 16.94 18.72
CA SER D 115 11.02 16.02 19.78
C SER D 115 9.72 15.37 20.22
N LYS D 116 9.84 14.33 21.04
CA LYS D 116 8.69 13.76 21.70
C LYS D 116 7.96 14.85 22.48
N ALA D 117 6.65 14.70 22.60
CA ALA D 117 5.88 15.63 23.41
C ALA D 117 6.43 15.65 24.83
N LYS D 118 6.62 16.85 25.35
CA LYS D 118 7.04 16.97 26.74
C LYS D 118 5.82 16.97 27.64
N GLY D 119 6.06 16.62 28.89
CA GLY D 119 4.98 16.40 29.85
C GLY D 119 5.28 15.06 30.50
N GLN D 120 4.85 14.93 31.74
CA GLN D 120 5.09 13.68 32.47
C GLN D 120 4.32 12.55 31.81
N PRO D 121 4.97 11.44 31.46
CA PRO D 121 4.25 10.31 30.84
C PRO D 121 3.27 9.67 31.79
N ARG D 122 2.11 9.29 31.26
CA ARG D 122 1.12 8.55 32.02
C ARG D 122 0.71 7.29 31.27
N GLU D 123 0.56 6.20 32.02
CA GLU D 123 0.31 4.91 31.41
C GLU D 123 -1.18 4.75 31.10
N PRO D 124 -1.50 4.21 29.95
CA PRO D 124 -2.91 3.99 29.60
C PRO D 124 -3.54 2.91 30.45
N GLN D 125 -4.81 3.10 30.75
CA GLN D 125 -5.71 2.03 31.18
C GLN D 125 -6.39 1.45 29.96
N VAL D 126 -6.48 0.12 29.91
CA VAL D 126 -6.99 -0.58 28.73
C VAL D 126 -8.22 -1.36 29.16
N TYR D 127 -9.36 -1.11 28.50
CA TYR D 127 -10.61 -1.77 28.80
C TYR D 127 -11.18 -2.38 27.52
N THR D 128 -11.66 -3.63 27.62
CA THR D 128 -12.28 -4.29 26.48
C THR D 128 -13.79 -4.34 26.70
N LEU D 129 -14.54 -4.12 25.63
CA LEU D 129 -15.99 -3.97 25.69
C LEU D 129 -16.58 -4.98 24.71
N PRO D 130 -17.48 -5.86 25.13
CA PRO D 130 -18.07 -6.82 24.20
C PRO D 130 -19.06 -6.12 23.27
N PRO D 131 -19.50 -6.78 22.20
CA PRO D 131 -20.46 -6.15 21.31
C PRO D 131 -21.78 -5.87 22.00
N SER D 132 -22.49 -4.89 21.47
CA SER D 132 -23.81 -4.55 21.97
C SER D 132 -24.77 -5.70 21.72
N ARG D 133 -25.75 -5.84 22.61
CA ARG D 133 -26.81 -6.82 22.37
C ARG D 133 -27.55 -6.54 21.09
N ASP D 134 -27.70 -5.27 20.71
CA ASP D 134 -28.33 -4.94 19.45
C ASP D 134 -27.53 -5.42 18.25
N GLU D 135 -26.20 -5.45 18.36
CA GLU D 135 -25.38 -5.82 17.22
C GLU D 135 -25.46 -7.31 16.90
N LEU D 136 -25.86 -8.14 17.87
CA LEU D 136 -25.92 -9.60 17.59
C LEU D 136 -27.09 -9.97 16.71
N THR D 137 -27.86 -9.03 16.16
CA THR D 137 -28.76 -9.33 15.07
C THR D 137 -28.04 -9.42 13.73
N LYS D 138 -26.77 -9.00 13.67
CA LYS D 138 -25.96 -9.01 12.46
C LYS D 138 -25.07 -10.24 12.42
N ASN D 139 -24.51 -10.49 11.24
CA ASN D 139 -23.59 -11.61 11.07
C ASN D 139 -22.20 -11.31 11.63
N GLN D 140 -21.78 -10.05 11.64
CA GLN D 140 -20.50 -9.66 12.20
C GLN D 140 -20.73 -8.80 13.43
N VAL D 141 -19.81 -8.91 14.40
CA VAL D 141 -19.91 -8.14 15.63
C VAL D 141 -18.63 -7.35 15.84
N SER D 142 -18.73 -6.27 16.61
CA SER D 142 -17.63 -5.35 16.85
C SER D 142 -17.11 -5.55 18.27
N LEU D 143 -15.83 -5.84 18.40
CA LEU D 143 -15.18 -5.92 19.70
C LEU D 143 -14.42 -4.62 19.89
N THR D 144 -14.52 -4.04 21.09
CA THR D 144 -14.02 -2.69 21.33
C THR D 144 -12.94 -2.72 22.38
N CYS D 145 -11.89 -1.95 22.15
CA CYS D 145 -10.82 -1.75 23.11
C CYS D 145 -10.74 -0.26 23.40
N LEU D 146 -10.93 0.10 24.66
CA LEU D 146 -10.86 1.49 25.09
C LEU D 146 -9.53 1.66 25.81
N VAL D 147 -8.73 2.60 25.34
CA VAL D 147 -7.41 2.88 25.87
C VAL D 147 -7.44 4.35 26.32
N LYS D 148 -7.31 4.59 27.62
CA LYS D 148 -7.51 5.97 28.07
C LYS D 148 -6.50 6.37 29.13
N GLY D 149 -6.28 7.68 29.24
CA GLY D 149 -5.40 8.24 30.25
C GLY D 149 -3.93 8.25 29.92
N PHE D 150 -3.55 8.11 28.64
CA PHE D 150 -2.14 8.05 28.29
C PHE D 150 -1.56 9.39 27.90
N TYR D 151 -0.28 9.55 28.19
CA TYR D 151 0.50 10.69 27.76
C TYR D 151 1.93 10.22 27.61
N PRO D 152 2.61 10.59 26.54
CA PRO D 152 2.19 11.39 25.39
C PRO D 152 1.27 10.59 24.46
N SER D 153 0.89 11.15 23.32
CA SER D 153 -0.10 10.45 22.51
C SER D 153 0.50 9.37 21.63
N ASP D 154 1.84 9.19 21.62
CA ASP D 154 2.45 8.13 20.83
C ASP D 154 2.03 6.77 21.37
N ILE D 155 1.40 5.94 20.54
CA ILE D 155 0.89 4.66 21.02
C ILE D 155 0.62 3.76 19.82
N ALA D 156 0.66 2.45 20.06
CA ALA D 156 0.33 1.43 19.06
C ALA D 156 -0.61 0.39 19.67
N VAL D 157 -1.63 -0.01 18.92
CA VAL D 157 -2.59 -1.01 19.36
C VAL D 157 -2.74 -2.07 18.28
N GLU D 158 -2.78 -3.33 18.71
CA GLU D 158 -3.04 -4.46 17.82
C GLU D 158 -3.94 -5.46 18.53
N TRP D 159 -4.44 -6.43 17.77
CA TRP D 159 -5.28 -7.48 18.34
C TRP D 159 -4.72 -8.86 18.01
N GLU D 160 -4.93 -9.82 18.93
CA GLU D 160 -4.55 -11.22 18.73
C GLU D 160 -5.63 -12.17 19.22
N SER D 161 -5.63 -13.37 18.66
CA SER D 161 -6.47 -14.46 19.17
C SER D 161 -5.77 -15.78 18.92
N ASN D 162 -5.70 -16.60 19.95
CA ASN D 162 -5.10 -17.94 19.88
C ASN D 162 -3.71 -17.87 19.26
N GLY D 163 -2.90 -16.92 19.77
CA GLY D 163 -1.52 -16.76 19.36
C GLY D 163 -1.33 -16.09 18.02
N GLN D 164 -2.37 -15.88 17.27
CA GLN D 164 -2.34 -15.39 15.91
C GLN D 164 -2.76 -13.92 15.87
N PRO D 165 -2.06 -13.07 15.11
CA PRO D 165 -2.55 -11.69 14.95
C PRO D 165 -3.91 -11.68 14.27
N GLU D 166 -4.80 -10.81 14.78
CA GLU D 166 -6.09 -10.55 14.17
C GLU D 166 -6.02 -9.18 13.53
N ASN D 167 -6.23 -9.11 12.21
CA ASN D 167 -5.85 -7.92 11.47
C ASN D 167 -7.00 -7.08 10.95
N ASN D 168 -8.25 -7.54 11.05
CA ASN D 168 -9.38 -6.74 10.57
C ASN D 168 -9.89 -5.77 11.64
N TYR D 169 -9.00 -4.87 12.05
CA TYR D 169 -9.35 -3.84 13.01
C TYR D 169 -9.03 -2.46 12.44
N LYS D 170 -9.70 -1.44 12.99
CA LYS D 170 -9.39 -0.03 12.74
C LYS D 170 -9.32 0.68 14.08
N THR D 171 -8.42 1.66 14.21
CA THR D 171 -8.19 2.37 15.46
C THR D 171 -8.38 3.87 15.23
N THR D 172 -9.07 4.55 16.15
CA THR D 172 -9.22 6.00 16.03
C THR D 172 -7.86 6.66 16.30
N PRO D 173 -7.68 7.89 15.85
CA PRO D 173 -6.54 8.67 16.32
C PRO D 173 -6.67 8.95 17.81
N PRO D 174 -5.57 9.18 18.51
CA PRO D 174 -5.69 9.63 19.91
C PRO D 174 -6.47 10.93 19.97
N VAL D 175 -7.29 11.09 21.00
CA VAL D 175 -8.12 12.27 21.22
C VAL D 175 -7.76 12.86 22.59
N LEU D 176 -7.59 14.19 22.65
CA LEU D 176 -7.31 14.84 23.93
C LEU D 176 -8.51 14.80 24.86
N ASP D 177 -8.32 14.32 26.10
CA ASP D 177 -9.38 14.29 27.09
C ASP D 177 -9.34 15.60 27.91
N SER D 178 -10.36 15.85 28.73
CA SER D 178 -10.37 17.14 29.41
C SER D 178 -9.29 17.25 30.49
N ASP D 179 -8.73 16.14 30.95
CA ASP D 179 -7.69 16.23 31.96
C ASP D 179 -6.30 16.32 31.35
N GLY D 180 -6.21 16.53 30.05
CA GLY D 180 -4.93 16.63 29.39
C GLY D 180 -4.37 15.32 28.87
N SER D 181 -4.88 14.17 29.32
CA SER D 181 -4.40 12.91 28.78
C SER D 181 -5.13 12.59 27.46
N PHE D 182 -4.76 11.49 26.81
CA PHE D 182 -5.40 11.08 25.57
C PHE D 182 -6.21 9.81 25.76
N PHE D 183 -7.13 9.57 24.82
CA PHE D 183 -7.81 8.27 24.71
C PHE D 183 -7.99 7.93 23.24
N LEU D 184 -8.25 6.64 23.00
CA LEU D 184 -8.61 6.18 21.67
C LEU D 184 -9.48 4.93 21.83
N TYR D 185 -10.08 4.53 20.72
CA TYR D 185 -10.77 3.26 20.67
C TYR D 185 -10.23 2.46 19.49
N SER D 186 -10.20 1.14 19.66
CA SER D 186 -9.88 0.23 18.56
C SER D 186 -11.04 -0.75 18.41
N LYS D 187 -11.43 -1.02 17.16
CA LYS D 187 -12.60 -1.84 16.86
C LYS D 187 -12.13 -3.01 16.00
N LEU D 188 -12.29 -4.22 16.52
CA LEU D 188 -11.99 -5.44 15.77
C LEU D 188 -13.31 -6.09 15.41
N THR D 189 -13.53 -6.29 14.12
CA THR D 189 -14.75 -6.86 13.60
C THR D 189 -14.53 -8.34 13.39
N VAL D 190 -15.42 -9.18 13.94
CA VAL D 190 -15.26 -10.63 13.89
C VAL D 190 -16.59 -11.27 13.49
N ASP D 191 -16.50 -12.53 13.05
CA ASP D 191 -17.69 -13.31 12.78
C ASP D 191 -18.45 -13.56 14.08
N LYS D 192 -19.76 -13.28 14.06
CA LYS D 192 -20.56 -13.46 15.26
C LYS D 192 -20.43 -14.87 15.80
N SER D 193 -20.23 -15.86 14.94
CA SER D 193 -20.13 -17.24 15.41
C SER D 193 -18.85 -17.47 16.22
N ARG D 194 -17.78 -16.77 15.88
CA ARG D 194 -16.56 -16.87 16.68
C ARG D 194 -16.77 -16.30 18.07
N TRP D 195 -17.51 -15.17 18.16
CA TRP D 195 -17.81 -14.56 19.45
C TRP D 195 -18.73 -15.47 20.29
N GLN D 196 -19.83 -15.94 19.69
CA GLN D 196 -20.78 -16.76 20.44
C GLN D 196 -20.20 -18.11 20.85
N GLN D 197 -19.17 -18.56 20.16
CA GLN D 197 -18.51 -19.81 20.51
C GLN D 197 -17.60 -19.68 21.72
N GLY D 198 -17.29 -18.46 22.17
CA GLY D 198 -16.46 -18.27 23.34
C GLY D 198 -14.99 -18.06 23.04
N ASN D 199 -14.64 -17.79 21.79
CA ASN D 199 -13.25 -17.58 21.43
C ASN D 199 -12.75 -16.33 22.15
N VAL D 200 -11.49 -16.35 22.56
CA VAL D 200 -10.89 -15.26 23.32
C VAL D 200 -10.09 -14.39 22.36
N PHE D 201 -10.29 -13.08 22.48
CA PHE D 201 -9.58 -12.11 21.66
C PHE D 201 -8.80 -11.21 22.61
N SER D 202 -7.81 -10.51 22.07
CA SER D 202 -6.91 -9.77 22.93
C SER D 202 -6.61 -8.43 22.29
N CYS D 203 -6.66 -7.37 23.11
CA CYS D 203 -6.20 -6.05 22.74
C CYS D 203 -4.78 -5.88 23.29
N SER D 204 -3.81 -5.63 22.41
CA SER D 204 -2.42 -5.38 22.80
C SER D 204 -2.10 -3.91 22.62
N VAL D 205 -1.44 -3.31 23.61
CA VAL D 205 -1.16 -1.87 23.61
C VAL D 205 0.32 -1.66 23.91
N MET D 206 0.97 -0.83 23.10
CA MET D 206 2.36 -0.47 23.30
C MET D 206 2.43 1.03 23.59
N HIS D 207 3.01 1.38 24.73
CA HIS D 207 3.15 2.79 25.11
C HIS D 207 4.32 2.90 26.07
N GLU D 208 5.05 4.02 25.97
CA GLU D 208 6.28 4.13 26.73
C GLU D 208 6.06 4.04 28.25
N ALA D 209 4.89 4.47 28.74
CA ALA D 209 4.66 4.53 30.19
C ALA D 209 4.18 3.22 30.79
N LEU D 210 3.76 2.26 29.97
CA LEU D 210 3.44 0.92 30.44
C LEU D 210 4.70 0.19 30.91
N HIS D 211 4.55 -0.65 31.93
CA HIS D 211 5.65 -1.53 32.30
C HIS D 211 6.00 -2.44 31.13
N ASN D 212 7.27 -2.45 30.74
CA ASN D 212 7.77 -3.13 29.55
C ASN D 212 7.19 -2.53 28.27
N HIS D 213 6.60 -1.34 28.38
CA HIS D 213 5.99 -0.64 27.25
C HIS D 213 4.91 -1.46 26.58
N TYR D 214 4.32 -2.39 27.31
CA TYR D 214 3.41 -3.39 26.75
C TYR D 214 2.40 -3.85 27.77
N THR D 215 1.12 -3.87 27.36
CA THR D 215 0.10 -4.54 28.15
C THR D 215 -0.91 -5.14 27.18
N GLN D 216 -1.62 -6.16 27.66
CA GLN D 216 -2.63 -6.80 26.86
C GLN D 216 -3.83 -7.13 27.75
N LYS D 217 -5.02 -7.07 27.15
CA LYS D 217 -6.29 -7.29 27.84
C LYS D 217 -7.15 -8.18 26.98
N SER D 218 -7.77 -9.16 27.60
CA SER D 218 -8.55 -10.16 26.87
C SER D 218 -10.03 -9.77 26.82
N LEU D 219 -10.75 -10.38 25.87
CA LEU D 219 -12.18 -10.14 25.70
C LEU D 219 -12.81 -11.45 25.22
N SER D 220 -13.81 -11.93 25.94
CA SER D 220 -14.52 -13.14 25.53
C SER D 220 -15.88 -13.16 26.20
N LEU D 221 -16.73 -14.05 25.69
CA LEU D 221 -18.09 -14.19 26.18
C LEU D 221 -18.12 -14.47 27.67
N SER D 222 -18.97 -13.73 28.37
CA SER D 222 -19.15 -13.93 29.80
C SER D 222 -19.63 -15.33 30.13
C1 NAG E . 30.64 0.62 -13.11
C2 NAG E . 30.58 -0.59 -14.04
C3 NAG E . 29.32 -0.55 -14.86
C4 NAG E . 28.07 -0.51 -14.02
C5 NAG E . 28.15 0.57 -12.94
C6 NAG E . 27.13 0.34 -11.87
C7 NAG E . 32.69 -1.71 -14.89
C8 NAG E . 33.91 -1.76 -15.82
N2 NAG E . 31.75 -0.60 -14.97
O3 NAG E . 29.35 -1.70 -15.76
O4 NAG E . 26.92 -0.22 -14.83
O5 NAG E . 29.43 0.57 -12.23
O6 NAG E . 25.90 0.03 -12.43
O7 NAG E . 32.52 -2.58 -14.08
C1 NAG E . 26.27 -1.41 -15.26
C2 NAG E . 24.80 -1.13 -15.52
C3 NAG E . 24.06 -2.35 -15.93
C4 NAG E . 24.75 -3.10 -17.03
C5 NAG E . 26.24 -3.29 -16.80
C6 NAG E . 26.90 -3.91 -17.99
C7 NAG E . 23.58 0.77 -14.40
C8 NAG E . 22.92 1.42 -13.17
N2 NAG E . 24.16 -0.56 -14.30
O3 NAG E . 22.73 -1.93 -16.34
O4 NAG E . 24.18 -4.41 -17.07
O5 NAG E . 26.91 -2.02 -16.48
O6 NAG E . 28.28 -4.05 -17.76
O7 NAG E . 23.63 1.36 -15.44
C1 BMA E . 23.02 -4.42 -17.92
C2 BMA E . 23.08 -5.65 -18.80
C3 BMA E . 21.80 -5.92 -19.52
C4 BMA E . 20.58 -5.83 -18.63
C5 BMA E . 20.60 -4.47 -17.95
C6 BMA E . 19.39 -4.21 -17.12
O2 BMA E . 23.32 -6.76 -17.92
O3 BMA E . 22.06 -7.28 -19.90
O4 BMA E . 19.36 -5.85 -19.38
O5 BMA E . 21.78 -4.36 -17.10
O6 BMA E . 19.69 -3.00 -16.45
C1 MAN E . 18.55 -2.51 -15.74
C2 MAN E . 18.71 -1.03 -15.45
C3 MAN E . 19.84 -0.79 -14.52
C4 MAN E . 19.58 -1.58 -13.27
C5 MAN E . 19.57 -3.05 -13.65
C6 MAN E . 19.64 -3.96 -12.45
O2 MAN E . 17.49 -0.60 -14.76
O3 MAN E . 19.99 0.60 -14.20
O4 MAN E . 20.60 -1.28 -12.31
O5 MAN E . 18.38 -3.29 -14.46
O6 MAN E . 18.30 -4.36 -12.05
C1 NAG E . 16.52 -0.12 -15.71
C2 NAG E . 15.15 0.01 -15.04
C3 NAG E . 14.12 0.52 -15.98
C4 NAG E . 14.55 1.78 -16.72
C5 NAG E . 15.97 1.62 -17.32
C6 NAG E . 16.49 2.89 -17.94
C7 NAG E . 15.09 -1.71 -13.13
C8 NAG E . 14.66 -3.07 -12.57
N2 NAG E . 14.73 -1.33 -14.50
O3 NAG E . 12.92 0.79 -15.23
O4 NAG E . 13.63 1.95 -17.81
O5 NAG E . 16.92 1.19 -16.29
O6 NAG E . 16.63 3.85 -16.93
O7 NAG E . 15.70 -0.96 -12.46
C1 GAL E . 13.02 3.26 -17.87
C2 GAL E . 12.01 3.28 -18.99
C3 GAL E . 11.22 4.55 -19.06
C4 GAL E . 10.67 4.96 -17.73
C5 GAL E . 11.71 4.95 -16.64
C6 GAL E . 11.01 5.19 -15.30
O2 GAL E . 12.76 3.17 -20.23
O3 GAL E . 10.09 4.40 -19.93
O4 GAL E . 9.67 3.99 -17.36
O5 GAL E . 12.40 3.67 -16.56
O6 GAL E . 11.97 4.91 -14.27
C1 MAN E . 21.14 -7.74 -20.87
C2 MAN E . 21.23 -9.24 -20.99
C3 MAN E . 20.46 -9.66 -22.18
C4 MAN E . 19.43 -8.65 -22.58
C5 MAN E . 20.15 -7.39 -23.04
C6 MAN E . 19.18 -6.24 -22.96
O2 MAN E . 20.77 -9.93 -19.76
O3 MAN E . 19.86 -10.94 -21.94
O4 MAN E . 18.65 -9.17 -23.66
O5 MAN E . 21.36 -7.15 -22.23
O6 MAN E . 19.81 -4.98 -22.55
C1 NAG F . 26.89 -14.51 -24.81
C2 NAG F . 26.28 -13.35 -24.04
C3 NAG F . 25.96 -13.69 -22.63
C4 NAG F . 25.07 -14.89 -22.54
C5 NAG F . 25.78 -16.03 -23.24
C6 NAG F . 24.93 -17.25 -23.15
C7 NAG F . 27.02 -11.13 -24.97
C8 NAG F . 27.98 -9.94 -24.98
N2 NAG F . 27.24 -12.21 -24.02
O3 NAG F . 25.34 -12.53 -21.99
O4 NAG F . 24.97 -15.33 -21.19
O5 NAG F . 26.05 -15.74 -24.64
O6 NAG F . 23.63 -16.92 -23.60
O7 NAG F . 26.09 -11.20 -25.71
C1 NAG F . 23.76 -14.89 -20.59
C2 NAG F . 23.33 -15.87 -19.51
C3 NAG F . 22.08 -15.42 -18.86
C4 NAG F . 22.23 -14.05 -18.29
C5 NAG F . 22.75 -13.03 -19.32
C6 NAG F . 23.14 -11.73 -18.66
C7 NAG F . 23.64 -18.39 -19.56
C8 NAG F . 23.24 -19.75 -20.18
N2 NAG F . 22.99 -17.21 -20.07
O3 NAG F . 21.70 -16.42 -17.86
O4 NAG F . 20.90 -13.65 -18.00
O5 NAG F . 23.93 -13.51 -20.05
O6 NAG F . 23.69 -10.85 -19.60
O7 NAG F . 24.45 -18.31 -18.69
C1 BMA F . 20.65 -13.86 -16.63
C2 BMA F . 19.86 -12.67 -16.19
C3 BMA F . 19.31 -12.82 -14.82
C4 BMA F . 18.54 -14.10 -14.67
C5 BMA F . 19.41 -15.30 -15.07
C6 BMA F . 18.63 -16.56 -15.02
O2 BMA F . 18.75 -12.63 -17.12
O3 BMA F . 18.47 -11.65 -14.68
O4 BMA F . 18.16 -14.28 -13.29
O5 BMA F . 19.96 -15.16 -16.43
O6 BMA F . 19.50 -17.56 -15.46
C1 MAN F . 18.84 -18.83 -15.48
C2 MAN F . 19.84 -19.85 -15.97
C3 MAN F . 20.20 -19.66 -17.39
C4 MAN F . 18.99 -19.55 -18.29
C5 MAN F . 17.94 -18.59 -17.75
C6 MAN F . 16.68 -18.71 -18.55
O2 MAN F . 19.21 -21.16 -15.81
O3 MAN F . 20.99 -20.80 -17.80
O4 MAN F . 19.41 -19.04 -19.57
O5 MAN F . 17.61 -18.83 -16.34
O6 MAN F . 15.61 -18.07 -17.77
C1 NAG F . 19.45 -21.56 -14.44
C2 NAG F . 18.49 -22.66 -14.08
C3 NAG F . 18.69 -23.14 -12.69
C4 NAG F . 20.12 -23.42 -12.33
C5 NAG F . 21.14 -22.39 -12.89
C6 NAG F . 22.54 -22.91 -12.91
C7 NAG F . 16.33 -22.25 -15.42
C8 NAG F . 14.91 -21.67 -15.51
N2 NAG F . 17.09 -22.11 -14.18
O3 NAG F . 17.88 -24.34 -12.54
O4 NAG F . 20.23 -23.40 -10.89
O5 NAG F . 20.86 -21.98 -14.28
O6 NAG F . 22.52 -24.25 -13.33
O7 NAG F . 16.82 -22.79 -16.37
C1 GAL F . 20.90 -24.62 -10.51
C2 GAL F . 20.88 -24.91 -9.01
C3 GAL F . 21.37 -26.27 -8.70
C4 GAL F . 20.74 -27.34 -9.56
C5 GAL F . 20.91 -27.01 -11.04
C6 GAL F . 20.22 -28.01 -11.99
O2 GAL F . 21.74 -23.99 -8.30
O3 GAL F . 21.14 -26.53 -7.30
O4 GAL F . 19.33 -27.42 -9.24
O5 GAL F . 20.28 -25.72 -11.32
O6 GAL F . 20.60 -29.35 -11.67
C1 MAN F . 18.96 -10.80 -13.61
C2 MAN F . 19.38 -9.41 -14.09
C3 MAN F . 19.96 -8.68 -12.94
C4 MAN F . 19.64 -9.35 -11.62
C5 MAN F . 20.18 -10.76 -11.55
C6 MAN F . 19.23 -11.50 -10.66
O2 MAN F . 18.21 -8.60 -14.55
O3 MAN F . 19.40 -7.35 -12.92
O4 MAN F . 20.09 -8.62 -10.47
O5 MAN F . 20.17 -11.38 -12.89
O6 MAN F . 19.90 -11.89 -9.41
C1 NAG G . -2.14 38.66 7.67
C2 NAG G . -1.58 37.38 7.05
C3 NAG G . -2.65 36.45 6.56
C4 NAG G . -3.56 36.00 7.67
C5 NAG G . -4.17 37.22 8.35
C6 NAG G . -4.74 36.79 9.65
C7 NAG G . 0.74 37.86 6.14
C8 NAG G . 1.71 38.15 4.97
N2 NAG G . -0.68 37.65 5.87
O3 NAG G . -2.04 35.28 5.97
O4 NAG G . -4.70 35.28 7.16
O5 NAG G . -3.23 38.33 8.71
O6 NAG G . -5.38 37.87 10.27
O7 NAG G . 1.14 37.81 7.25
C1 NAG G . -4.60 33.85 7.30
C2 NAG G . -5.97 33.21 7.58
C3 NAG G . -5.96 31.70 7.58
C4 NAG G . -5.27 31.10 6.38
C5 NAG G . -3.90 31.76 6.21
C6 NAG G . -3.24 31.24 4.98
C7 NAG G . -7.72 34.39 9.02
C8 NAG G . -8.20 34.90 10.38
N2 NAG G . -6.44 33.71 8.90
O3 NAG G . -7.34 31.24 7.65
O4 NAG G . -4.99 29.70 6.54
O5 NAG G . -3.98 33.22 6.08
O6 NAG G . -2.44 32.29 4.51
O7 NAG G . -8.39 34.56 8.04
C1 BMA G . -6.06 28.85 6.09
C2 BMA G . -5.56 27.63 5.32
C3 BMA G . -6.52 26.48 5.22
C4 BMA G . -7.27 26.22 6.48
C5 BMA G . -7.89 27.52 6.97
C6 BMA G . -8.59 27.30 8.25
O2 BMA G . -4.33 27.17 5.92
O3 BMA G . -5.78 25.27 4.91
O4 BMA G . -8.31 25.28 6.25
O5 BMA G . -6.87 28.50 7.28
O6 BMA G . -8.86 28.60 8.66
C1 MAN G . -9.80 28.45 9.70
C2 MAN G . -10.48 29.77 9.90
C3 MAN G . -9.53 30.76 10.43
C4 MAN G . -8.91 30.28 11.72
C5 MAN G . -8.20 28.96 11.52
C6 MAN G . -7.72 28.43 12.84
O2 MAN G . -11.49 29.50 10.94
O3 MAN G . -10.21 32.02 10.64
O4 MAN G . -7.93 31.23 12.12
O5 MAN G . -9.09 27.94 10.91
O6 MAN G . -7.47 26.99 12.69
C1 NAG G . -12.69 29.10 10.24
C2 NAG G . -13.62 28.43 11.25
C3 NAG G . -14.94 28.11 10.64
C4 NAG G . -15.55 29.24 9.85
C5 NAG G . -14.56 29.87 8.89
C6 NAG G . -15.08 31.13 8.21
C7 NAG G . -12.15 27.23 12.89
C8 NAG G . -11.43 25.95 13.37
N2 NAG G . -12.94 27.17 11.67
O3 NAG G . -15.80 27.75 11.75
O4 NAG G . -16.55 28.63 9.05
O5 NAG G . -13.32 30.27 9.57
O6 NAG G . -15.70 31.95 9.16
O7 NAG G . -12.07 28.24 13.52
C1 GAL G . -17.80 29.28 9.24
C2 GAL G . -18.90 28.50 8.54
C3 GAL G . -20.25 29.04 8.81
C4 GAL G . -20.50 29.27 10.28
C5 GAL G . -19.35 30.02 10.96
C6 GAL G . -19.46 30.03 12.48
O2 GAL G . -18.63 28.55 7.12
O3 GAL G . -21.27 28.15 8.28
O4 GAL G . -20.63 27.96 10.88
O5 GAL G . -18.05 29.42 10.69
O6 GAL G . -20.67 30.66 12.70
C1 SIA G . -20.73 29.59 14.80
C2 SIA G . -20.93 30.89 13.99
C3 SIA G . -22.36 31.40 14.10
C4 SIA G . -22.62 31.88 15.48
C5 SIA G . -21.67 32.91 15.95
C6 SIA G . -20.26 32.31 15.86
C7 SIA G . -19.18 33.27 16.39
C8 SIA G . -17.81 32.64 16.69
C9 SIA G . -17.47 31.39 15.92
C10 SIA G . -21.94 34.57 17.90
C11 SIA G . -22.42 34.86 19.30
N5 SIA G . -22.11 33.23 17.34
O1A SIA G . -19.62 29.34 15.40
O1B SIA G . -21.63 28.76 14.89
O4 SIA G . -23.97 32.38 15.67
O6 SIA G . -19.98 31.92 14.47
O7 SIA G . -19.10 34.40 15.55
O8 SIA G . -16.75 33.57 16.49
O9 SIA G . -16.03 31.23 15.89
O10 SIA G . -21.42 35.42 17.28
C1 MAN G . -6.03 24.86 3.55
C2 MAN G . -5.55 23.43 3.37
C3 MAN G . -4.09 23.36 3.57
C4 MAN G . -3.35 24.29 2.65
C5 MAN G . -3.88 25.72 2.74
C6 MAN G . -3.22 26.55 1.69
O2 MAN G . -5.91 22.94 2.02
O3 MAN G . -3.63 22.01 3.38
O4 MAN G . -1.97 24.32 3.02
O5 MAN G . -5.34 25.77 2.56
O6 MAN G . -2.56 27.70 2.28
C1 NAG H . 3.19 20.13 -6.48
C2 NAG H . 4.52 20.22 -5.78
C3 NAG H . 4.50 21.06 -4.57
C4 NAG H . 3.41 20.54 -3.71
C5 NAG H . 2.05 20.41 -4.41
C6 NAG H . 0.98 21.14 -3.67
C7 NAG H . 5.43 17.96 -5.85
C8 NAG H . 5.37 16.49 -5.39
N2 NAG H . 4.46 18.83 -5.29
O3 NAG H . 4.27 22.46 -4.92
O4 NAG H . 3.79 19.23 -3.29
O5 NAG H . 2.15 20.93 -5.77
O6 NAG H . 0.32 20.20 -2.86
O7 NAG H . 6.18 18.48 -6.61
C1 NAG H . 4.11 19.19 -1.89
C2 NAG H . 2.93 19.63 -1.02
C3 NAG H . 3.05 19.28 0.40
C4 NAG H . 3.37 17.84 0.68
C5 NAG H . 4.61 17.45 -0.14
C6 NAG H . 4.88 15.97 -0.06
C7 NAG H . 3.56 22.21 -0.77
C8 NAG H . 3.02 23.64 -0.75
N2 NAG H . 2.61 21.11 -0.97
O3 NAG H . 1.72 19.61 0.85
O4 NAG H . 3.91 17.73 2.01
O5 NAG H . 4.59 17.79 -1.57
O6 NAG H . 5.21 15.53 -1.36
O7 NAG H . 4.72 22.02 -0.63
C1 BMA H . 3.18 17.70 3.31
C2 BMA H . 2.12 18.79 3.56
C3 BMA H . 1.60 18.75 4.97
C4 BMA H . 1.61 17.40 5.65
C5 BMA H . 2.63 16.44 5.04
C6 BMA H . 2.67 15.07 5.66
O2 BMA H . 1.01 18.66 2.66
O3 BMA H . 0.23 19.29 4.98
O4 BMA H . 2.00 17.64 7.00
O5 BMA H . 2.51 16.37 3.59
O6 BMA H . 3.80 14.48 5.05
C1 MAN H . 3.74 13.04 5.14
C2 MAN H . 4.90 12.47 5.91
C3 MAN H . 4.90 11.01 5.85
C4 MAN H . 3.58 10.44 5.33
C5 MAN H . 3.18 11.01 3.98
C6 MAN H . 1.69 11.16 3.93
O2 MAN H . 4.60 12.82 7.32
O3 MAN H . 4.97 10.86 7.26
O4 MAN H . 3.61 9.01 5.22
O5 MAN H . 3.70 12.37 3.79
O6 MAN H . 1.32 12.43 3.29
C1 NAG H . 6.16 10.16 7.73
C2 NAG H . 5.84 8.76 7.16
C3 NAG H . 6.90 7.83 6.63
C4 NAG H . 8.30 8.31 6.81
C5 NAG H . 8.22 9.32 7.95
C6 NAG H . 9.50 9.49 8.71
C7 NAG H . 4.67 8.56 9.72
C8 NAG H . 4.77 7.54 10.89
N2 NAG H . 5.46 8.22 8.49
O3 NAG H . 6.59 7.57 5.24
O4 NAG H . 9.04 7.15 7.24
O5 NAG H . 7.59 10.52 7.35
O6 NAG H . 10.12 8.23 8.88
O7 NAG H . 3.92 9.49 9.82
#